data_7DQ0
# 
_entry.id   7DQ0 
# 
_audit_conform.dict_name       mmcif_pdbx.dic 
_audit_conform.dict_version    5.395 
_audit_conform.dict_location   http://mmcif.pdb.org/dictionaries/ascii/mmcif_pdbx.dic 
# 
loop_
_database_2.database_id 
_database_2.database_code 
_database_2.pdbx_database_accession 
_database_2.pdbx_DOI 
PDB   7DQ0         pdb_00007dq0 10.2210/pdb7dq0/pdb 
WWPDB D_1300019902 ?            ?                   
# 
loop_
_pdbx_audit_revision_history.ordinal 
_pdbx_audit_revision_history.data_content_type 
_pdbx_audit_revision_history.major_revision 
_pdbx_audit_revision_history.minor_revision 
_pdbx_audit_revision_history.revision_date 
1 'Structure model' 1 0 2021-12-29 
2 'Structure model' 1 1 2023-03-29 
3 'Structure model' 2 0 2023-11-15 
4 'Structure model' 2 1 2023-11-29 
5 'Structure model' 3 0 2024-07-10 
# 
_pdbx_audit_revision_details.ordinal             1 
_pdbx_audit_revision_details.revision_ordinal    1 
_pdbx_audit_revision_details.data_content_type   'Structure model' 
_pdbx_audit_revision_details.provider            repository 
_pdbx_audit_revision_details.type                'Initial release' 
_pdbx_audit_revision_details.description         ? 
_pdbx_audit_revision_details.details             ? 
# 
loop_
_pdbx_audit_revision_group.ordinal 
_pdbx_audit_revision_group.revision_ordinal 
_pdbx_audit_revision_group.data_content_type 
_pdbx_audit_revision_group.group 
1 2 'Structure model' 'Database references'     
2 3 'Structure model' 'Atomic model'            
3 3 'Structure model' 'Data collection'         
4 3 'Structure model' 'Derived calculations'    
5 4 'Structure model' 'Refinement description'  
6 5 'Structure model' 'Data collection'         
7 5 'Structure model' 'Derived calculations'    
8 5 'Structure model' 'Non-polymer description' 
9 5 'Structure model' 'Structure summary'       
# 
loop_
_pdbx_audit_revision_category.ordinal 
_pdbx_audit_revision_category.revision_ordinal 
_pdbx_audit_revision_category.data_content_type 
_pdbx_audit_revision_category.category 
1  2 'Structure model' citation                      
2  2 'Structure model' citation_author               
3  3 'Structure model' atom_site                     
4  3 'Structure model' chem_comp_atom                
5  3 'Structure model' chem_comp_bond                
6  3 'Structure model' struct_conn                   
7  4 'Structure model' pdbx_initial_refinement_model 
8  5 'Structure model' chem_comp                     
9  5 'Structure model' chem_comp_atom                
10 5 'Structure model' chem_comp_bond                
11 5 'Structure model' entity                        
12 5 'Structure model' struct_conn                   
# 
loop_
_pdbx_audit_revision_item.ordinal 
_pdbx_audit_revision_item.revision_ordinal 
_pdbx_audit_revision_item.data_content_type 
_pdbx_audit_revision_item.item 
1  2 'Structure model' '_citation.country'                   
2  2 'Structure model' '_citation.journal_abbrev'            
3  2 'Structure model' '_citation.journal_id_ASTM'           
4  2 'Structure model' '_citation.journal_id_CSD'            
5  2 'Structure model' '_citation.journal_id_ISSN'           
6  2 'Structure model' '_citation.pdbx_database_id_DOI'      
7  2 'Structure model' '_citation.pdbx_database_id_PubMed'   
8  2 'Structure model' '_citation.title'                     
9  2 'Structure model' '_citation.year'                      
10 3 'Structure model' '_atom_site.auth_atom_id'             
11 3 'Structure model' '_atom_site.label_atom_id'            
12 3 'Structure model' '_struct_conn.pdbx_leaving_atom_flag' 
13 3 'Structure model' '_struct_conn.ptnr1_label_atom_id'    
14 3 'Structure model' '_struct_conn.ptnr2_label_atom_id'    
15 5 'Structure model' '_chem_comp.formula'                  
16 5 'Structure model' '_chem_comp.formula_weight'           
17 5 'Structure model' '_entity.formula_weight'              
18 5 'Structure model' '_struct_conn.pdbx_leaving_atom_flag' 
# 
_pdbx_database_status.status_code                     REL 
_pdbx_database_status.status_code_sf                  REL 
_pdbx_database_status.status_code_mr                  ? 
_pdbx_database_status.entry_id                        7DQ0 
_pdbx_database_status.recvd_initial_deposition_date   2020-12-22 
_pdbx_database_status.SG_entry                        N 
_pdbx_database_status.deposit_site                    PDBJ 
_pdbx_database_status.process_site                    PDBJ 
_pdbx_database_status.status_code_cs                  ? 
_pdbx_database_status.status_code_nmr_data            ? 
_pdbx_database_status.methods_development_category    ? 
_pdbx_database_status.pdb_format_compatible           Y 
# 
loop_
_audit_author.name 
_audit_author.pdbx_ordinal 
_audit_author.identifier_ORCID 
'Satange, R.B.' 1 ? 
'Hou, M.H.'     2 ? 
# 
_citation.abstract                  ? 
_citation.abstract_id_CAS           ? 
_citation.book_id_ISBN              ? 
_citation.book_publisher            ? 
_citation.book_publisher_city       ? 
_citation.book_title                ? 
_citation.coordinate_linkage        ? 
_citation.country                   UK 
_citation.database_id_Medline       ? 
_citation.details                   ? 
_citation.id                        primary 
_citation.journal_abbrev            'Nucleic Acids Res.' 
_citation.journal_id_ASTM           NARHAD 
_citation.journal_id_CSD            0389 
_citation.journal_id_ISSN           1362-4962 
_citation.journal_full              ? 
_citation.journal_issue             ? 
_citation.journal_volume            ? 
_citation.language                  ? 
_citation.page_first                ? 
_citation.page_last                 ? 
_citation.title                     
'Synergistic binding of actinomycin D and echinomycin to DNA mismatch sites and their combined anti-tumour effects.' 
_citation.year                      2023 
_citation.database_id_CSD           ? 
_citation.pdbx_database_id_DOI      10.1093/nar/gkad156 
_citation.pdbx_database_id_PubMed   36919604 
_citation.unpublished_flag          ? 
# 
loop_
_citation_author.citation_id 
_citation_author.name 
_citation_author.ordinal 
_citation_author.identifier_ORCID 
primary 'Satange, R.' 1 0000-0002-5150-9363 
primary 'Chang, C.C.' 2 ?                   
primary 'Li, L.Y.'    3 ?                   
primary 'Lin, S.H.'   4 ?                   
primary 'Neidle, S.'  5 0000-0003-0622-6548 
primary 'Hou, M.H.'   6 0000-0003-4170-1527 
# 
loop_
_entity.id 
_entity.type 
_entity.src_method 
_entity.pdbx_description 
_entity.formula_weight 
_entity.pdbx_number_of_molecules 
_entity.pdbx_ec 
_entity.pdbx_mutation 
_entity.pdbx_fragment 
_entity.details 
1 polymer     syn 
;DNA (5'-D(P*AP*GP*CP*TP*CP*GP*T)-3')
;
2113.410 1  ? ? ? ? 
2 polymer     syn 
;DNA (5'-D(P*AP*GP*CP*TP*CP*GP*T)-3')
;
2113.410 1  ? ? ? ? 
3 polymer     nat 'Actinomycin D'                        1291.446 1  ? ? ? ? 
4 polymer     nat Echinomycin                            809.008  1  ? ? ? ? 
5 non-polymer syn 'ZINC ION'                             65.409   3  ? ? ? ? 
6 non-polymer syn 'CHLORIDE ION'                         35.453   1  ? ? ? ? 
7 non-polymer syn 2-CARBOXYQUINOXALINE                   174.156  2  ? ? ? ? 
8 water       nat water                                  18.015   25 ? ? ? ? 
# 
loop_
_entity_poly.entity_id 
_entity_poly.type 
_entity_poly.nstd_linkage 
_entity_poly.nstd_monomer 
_entity_poly.pdbx_seq_one_letter_code 
_entity_poly.pdbx_seq_one_letter_code_can 
_entity_poly.pdbx_strand_id 
_entity_poly.pdbx_target_identifier 
1 polydeoxyribonucleotide no no  '(DA)(DG)(DC)(DT)(DC)(DG)(DT)'            AGCTCGT     A ? 
2 polydeoxyribonucleotide no no  '(DA)(DC)(DG)(DT)(DG)(DC)(DT)'            ACGTGCT     B ? 
3 'polypeptide(L)'        no yes 'T(DVA)P(SAR)(MVA)(PXZ)T(DVA)P(SAR)(MVA)' TVPGVXTVPGV C ? 
4 'polypeptide(L)'        no yes '(DSN)A(N2C)(MVA)(DSN)A(NCY)(MVA)'        SAXVSAXV    D ? 
# 
loop_
_pdbx_entity_nonpoly.entity_id 
_pdbx_entity_nonpoly.name 
_pdbx_entity_nonpoly.comp_id 
5 'ZINC ION'           ZN  
6 'CHLORIDE ION'       CL  
7 2-CARBOXYQUINOXALINE QUI 
8 water                HOH 
# 
loop_
_entity_poly_seq.entity_id 
_entity_poly_seq.num 
_entity_poly_seq.mon_id 
_entity_poly_seq.hetero 
1 1  DA  n 
1 2  DG  n 
1 3  DC  n 
1 4  DT  n 
1 5  DC  n 
1 6  DG  n 
1 7  DT  n 
2 1  DA  n 
2 2  DC  n 
2 3  DG  n 
2 4  DT  n 
2 5  DG  n 
2 6  DC  n 
2 7  DT  n 
3 1  THR n 
3 2  DVA n 
3 3  PRO n 
3 4  SAR n 
3 5  MVA n 
3 6  PXZ n 
3 7  THR n 
3 8  DVA n 
3 9  PRO n 
3 10 SAR n 
3 11 MVA n 
4 1  DSN n 
4 2  ALA n 
4 3  N2C n 
4 4  MVA n 
4 5  DSN n 
4 6  ALA n 
4 7  NCY n 
4 8  MVA n 
# 
loop_
_entity_src_nat.entity_id 
_entity_src_nat.pdbx_src_id 
_entity_src_nat.pdbx_alt_source_flag 
_entity_src_nat.pdbx_beg_seq_num 
_entity_src_nat.pdbx_end_seq_num 
_entity_src_nat.common_name 
_entity_src_nat.pdbx_organism_scientific 
_entity_src_nat.pdbx_ncbi_taxonomy_id 
_entity_src_nat.genus 
_entity_src_nat.species 
_entity_src_nat.strain 
_entity_src_nat.tissue 
_entity_src_nat.tissue_fraction 
_entity_src_nat.pdbx_secretion 
_entity_src_nat.pdbx_fragment 
_entity_src_nat.pdbx_variant 
_entity_src_nat.pdbx_cell_line 
_entity_src_nat.pdbx_atcc 
_entity_src_nat.pdbx_cellular_location 
_entity_src_nat.pdbx_organ 
_entity_src_nat.pdbx_organelle 
_entity_src_nat.pdbx_cell 
_entity_src_nat.pdbx_plasmid_name 
_entity_src_nat.pdbx_plasmid_details 
_entity_src_nat.details 
3 1 sample 1 11 ? 'Streptomyces sp.' 1931 ? ? ? ? ? ? ? ? ? ? ? ? ? ? ? ? ? 
4 1 sample 1 8  ? 'Streptomyces sp.' 1931 ? ? ? ? ? ? ? ? ? ? ? ? ? ? ? ? ? 
# 
loop_
_pdbx_entity_src_syn.entity_id 
_pdbx_entity_src_syn.pdbx_src_id 
_pdbx_entity_src_syn.pdbx_alt_source_flag 
_pdbx_entity_src_syn.pdbx_beg_seq_num 
_pdbx_entity_src_syn.pdbx_end_seq_num 
_pdbx_entity_src_syn.organism_scientific 
_pdbx_entity_src_syn.organism_common_name 
_pdbx_entity_src_syn.ncbi_taxonomy_id 
_pdbx_entity_src_syn.details 
1 1 sample 1 7 'synthetic construct' ? 32630 ? 
2 1 sample 1 7 'synthetic construct' ? 32630 ? 
# 
loop_
_chem_comp.id 
_chem_comp.type 
_chem_comp.mon_nstd_flag 
_chem_comp.name 
_chem_comp.pdbx_synonyms 
_chem_comp.formula 
_chem_comp.formula_weight 
ALA 'L-peptide linking' y ALANINE                                                         ?           'C3 H7 N O2'      89.093  
CL  non-polymer         . 'CHLORIDE ION'                                                  ?           'Cl -1'           35.453  
DA  'DNA linking'       y "2'-DEOXYADENOSINE-5'-MONOPHOSPHATE"                            ?           'C10 H14 N5 O6 P' 331.222 
DC  'DNA linking'       y "2'-DEOXYCYTIDINE-5'-MONOPHOSPHATE"                             ?           'C9 H14 N3 O7 P'  307.197 
DG  'DNA linking'       y "2'-DEOXYGUANOSINE-5'-MONOPHOSPHATE"                            ?           'C10 H14 N5 O7 P' 347.221 
DSN 'D-peptide linking' . D-SERINE                                                        ?           'C3 H7 N O3'      105.093 
DT  'DNA linking'       y "THYMIDINE-5'-MONOPHOSPHATE"                                    ?           'C10 H15 N2 O8 P' 322.208 
DVA 'D-peptide linking' . D-VALINE                                                        ?           'C5 H11 N O2'     117.146 
HOH non-polymer         . WATER                                                           ?           'H2 O'            18.015  
MVA 'L-peptide linking' n N-METHYLVALINE                                                  ?           'C6 H13 N O2'     131.173 
N2C 'L-peptide linking' . N,S-DIMETHYLCYSTEINE                                            ?           'C5 H11 N O2 S'   149.211 
NCY 'L-peptide linking' . N-METHYLCYSTEINE                                                ?           'C4 H9 N O2 S'    135.185 
PRO 'L-peptide linking' y PROLINE                                                         ?           'C5 H9 N O2'      115.130 
PXZ non-polymer         . 2-AMINO-1,9-DICARBONYL-4,6-DIMETHYL-10-DEHYDRO-PHENOXAZIN-3-ONE PHENOXAZINE 'C16 H12 N2 O6'   328.276 
QUI non-polymer         . 2-CARBOXYQUINOXALINE                                            ?           'C9 H6 N2 O2'     174.156 
SAR 'peptide linking'   n SARCOSINE                                                       ?           'C3 H7 N O2'      89.093  
THR 'L-peptide linking' y THREONINE                                                       ?           'C4 H9 N O3'      119.119 
ZN  non-polymer         . 'ZINC ION'                                                      ?           'Zn 2'            65.409  
# 
loop_
_pdbx_poly_seq_scheme.asym_id 
_pdbx_poly_seq_scheme.entity_id 
_pdbx_poly_seq_scheme.seq_id 
_pdbx_poly_seq_scheme.mon_id 
_pdbx_poly_seq_scheme.ndb_seq_num 
_pdbx_poly_seq_scheme.pdb_seq_num 
_pdbx_poly_seq_scheme.auth_seq_num 
_pdbx_poly_seq_scheme.pdb_mon_id 
_pdbx_poly_seq_scheme.auth_mon_id 
_pdbx_poly_seq_scheme.pdb_strand_id 
_pdbx_poly_seq_scheme.pdb_ins_code 
_pdbx_poly_seq_scheme.hetero 
A 1 1  DA  1  1  1  DA  DA  A . n 
A 1 2  DG  2  2  2  DG  DG  A . n 
A 1 3  DC  3  3  3  DC  DC  A . n 
A 1 4  DT  4  4  4  DT  DT  A . n 
A 1 5  DC  5  5  5  DC  DC  A . n 
A 1 6  DG  6  6  6  DG  DG  A . n 
A 1 7  DT  7  7  7  DT  DT  A . n 
B 2 1  DA  1  1  1  DA  DA  B . n 
B 2 2  DC  2  2  2  DC  DC  B . n 
B 2 3  DG  3  3  3  DG  DG  B . n 
B 2 4  DT  4  4  4  DT  DT  B . n 
B 2 5  DG  5  5  5  DG  DG  B . n 
B 2 6  DC  6  6  6  DC  DC  B . n 
B 2 7  DT  7  7  7  DT  DT  B . n 
C 3 1  THR 1  1  1  THR THR C . n 
C 3 2  DVA 2  2  2  DVA DVA C . n 
C 3 3  PRO 3  3  3  PRO PRO C . n 
C 3 4  SAR 4  4  4  SAR SAR C . n 
C 3 5  MVA 5  5  5  MVA MVA C . n 
C 3 6  PXZ 6  6  6  PXZ PXF C . n 
C 3 7  THR 7  7  7  THR THR C . n 
C 3 8  DVA 8  8  8  DVA DVA C . n 
C 3 9  PRO 9  9  9  PRO PRO C . n 
C 3 10 SAR 10 10 10 SAR SAR C . n 
C 3 11 MVA 11 11 11 MVA MVA C . n 
D 4 1  DSN 1  1  1  DSN DSN D . n 
D 4 2  ALA 2  2  2  ALA ALA D . n 
D 4 3  N2C 3  3  3  N2C N2C D . n 
D 4 4  MVA 4  4  4  MVA MVA D . n 
D 4 5  DSN 5  5  5  DSN DSN D . n 
D 4 6  ALA 6  6  6  ALA ALA D . n 
D 4 7  NCY 7  7  7  NCY NCY D . n 
D 4 8  MVA 8  8  8  MVA MVA D . n 
# 
loop_
_pdbx_nonpoly_scheme.asym_id 
_pdbx_nonpoly_scheme.entity_id 
_pdbx_nonpoly_scheme.mon_id 
_pdbx_nonpoly_scheme.ndb_seq_num 
_pdbx_nonpoly_scheme.pdb_seq_num 
_pdbx_nonpoly_scheme.auth_seq_num 
_pdbx_nonpoly_scheme.pdb_mon_id 
_pdbx_nonpoly_scheme.auth_mon_id 
_pdbx_nonpoly_scheme.pdb_strand_id 
_pdbx_nonpoly_scheme.pdb_ins_code 
E 5 ZN  1  101 5   ZN  ZN  A . 
F 5 ZN  1  102 6   ZN  ZN  A . 
G 6 CL  1  103 1   CL  CL  A . 
H 5 ZN  1  101 1   ZN  ZN  B . 
I 7 QUI 1  101 102 QUI QUI D . 
J 7 QUI 1  102 101 QUI QUI D . 
K 8 HOH 1  201 21  HOH HOH A . 
K 8 HOH 2  202 78  HOH HOH A . 
K 8 HOH 3  203 91  HOH HOH A . 
K 8 HOH 4  204 87  HOH HOH A . 
K 8 HOH 5  205 97  HOH HOH A . 
K 8 HOH 6  206 86  HOH HOH A . 
K 8 HOH 7  207 9   HOH HOH A . 
K 8 HOH 8  208 95  HOH HOH A . 
K 8 HOH 9  209 93  HOH HOH A . 
K 8 HOH 10 210 17  HOH HOH A . 
K 8 HOH 11 211 36  HOH HOH A . 
K 8 HOH 12 212 5   HOH HOH A . 
K 8 HOH 13 213 96  HOH HOH A . 
K 8 HOH 14 214 59  HOH HOH A . 
K 8 HOH 15 215 52  HOH HOH A . 
K 8 HOH 16 216 45  HOH HOH A . 
L 8 HOH 1  201 94  HOH HOH B . 
L 8 HOH 2  202 82  HOH HOH B . 
L 8 HOH 3  203 7   HOH HOH B . 
L 8 HOH 4  204 81  HOH HOH B . 
L 8 HOH 5  205 89  HOH HOH B . 
L 8 HOH 6  206 49  HOH HOH B . 
L 8 HOH 7  207 27  HOH HOH B . 
M 8 HOH 1  101 44  HOH HOH C . 
N 8 HOH 1  201 15  HOH HOH D . 
# 
loop_
_software.citation_id 
_software.classification 
_software.compiler_name 
_software.compiler_version 
_software.contact_author 
_software.contact_author_email 
_software.date 
_software.description 
_software.dependencies 
_software.hardware 
_software.language 
_software.location 
_software.mods 
_software.name 
_software.os 
_software.os_version 
_software.type 
_software.version 
_software.pdbx_ordinal 
? refinement        ? ? ? ? ? ? ? ? ? ? ? PHENIX      ? ? ? 1.17.1_3660 1 
? 'data scaling'    ? ? ? ? ? ? ? ? ? ? ? HKL-2000    ? ? ? .           2 
? 'data extraction' ? ? ? ? ? ? ? ? ? ? ? PDB_EXTRACT ? ? ? 3.27        3 
? 'data reduction'  ? ? ? ? ? ? ? ? ? ? ? HKL-2000    ? ? ? .           4 
? phasing           ? ? ? ? ? ? ? ? ? ? ? PHENIX      ? ? ? 1.17.1_3660 5 
# 
_cell.angle_alpha                  90.000 
_cell.angle_alpha_esd              ? 
_cell.angle_beta                   90.000 
_cell.angle_beta_esd               ? 
_cell.angle_gamma                  90.000 
_cell.angle_gamma_esd              ? 
_cell.entry_id                     7DQ0 
_cell.details                      ? 
_cell.formula_units_Z              ? 
_cell.length_a                     30.188 
_cell.length_a_esd                 ? 
_cell.length_b                     30.188 
_cell.length_b_esd                 ? 
_cell.length_c                     137.608 
_cell.length_c_esd                 ? 
_cell.volume                       ? 
_cell.volume_esd                   ? 
_cell.Z_PDB                        8 
_cell.reciprocal_angle_alpha       ? 
_cell.reciprocal_angle_beta        ? 
_cell.reciprocal_angle_gamma       ? 
_cell.reciprocal_angle_alpha_esd   ? 
_cell.reciprocal_angle_beta_esd    ? 
_cell.reciprocal_angle_gamma_esd   ? 
_cell.reciprocal_length_a          ? 
_cell.reciprocal_length_b          ? 
_cell.reciprocal_length_c          ? 
_cell.reciprocal_length_a_esd      ? 
_cell.reciprocal_length_b_esd      ? 
_cell.reciprocal_length_c_esd      ? 
_cell.pdbx_unique_axis             ? 
# 
_symmetry.entry_id                         7DQ0 
_symmetry.cell_setting                     ? 
_symmetry.Int_Tables_number                92 
_symmetry.space_group_name_Hall            ? 
_symmetry.space_group_name_H-M             'P 41 21 2' 
_symmetry.pdbx_full_space_group_name_H-M   ? 
# 
_exptl.absorpt_coefficient_mu     ? 
_exptl.absorpt_correction_T_max   ? 
_exptl.absorpt_correction_T_min   ? 
_exptl.absorpt_correction_type    ? 
_exptl.absorpt_process_details    ? 
_exptl.entry_id                   7DQ0 
_exptl.crystals_number            1 
_exptl.details                    ? 
_exptl.method                     'X-RAY DIFFRACTION' 
_exptl.method_details             ? 
# 
_exptl_crystal.colour                      ? 
_exptl_crystal.density_diffrn              ? 
_exptl_crystal.density_Matthews            2.43 
_exptl_crystal.density_method              ? 
_exptl_crystal.density_percent_sol         49.38 
_exptl_crystal.description                 'The entry contains friedel pairs in F_plus/minus columns and I_plus/minus columns' 
_exptl_crystal.F_000                       ? 
_exptl_crystal.id                          1 
_exptl_crystal.preparation                 ? 
_exptl_crystal.size_max                    ? 
_exptl_crystal.size_mid                    ? 
_exptl_crystal.size_min                    ? 
_exptl_crystal.size_rad                    ? 
_exptl_crystal.colour_lustre               ? 
_exptl_crystal.colour_modifier             ? 
_exptl_crystal.colour_primary              ? 
_exptl_crystal.density_meas                ? 
_exptl_crystal.density_meas_esd            ? 
_exptl_crystal.density_meas_gt             ? 
_exptl_crystal.density_meas_lt             ? 
_exptl_crystal.density_meas_temp           ? 
_exptl_crystal.density_meas_temp_esd       ? 
_exptl_crystal.density_meas_temp_gt        ? 
_exptl_crystal.density_meas_temp_lt        ? 
_exptl_crystal.pdbx_crystal_image_url      ? 
_exptl_crystal.pdbx_crystal_image_format   ? 
_exptl_crystal.pdbx_mosaicity              ? 
_exptl_crystal.pdbx_mosaicity_esd          ? 
# 
_exptl_crystal_grow.apparatus       ? 
_exptl_crystal_grow.atmosphere      ? 
_exptl_crystal_grow.crystal_id      1 
_exptl_crystal_grow.details         ? 
_exptl_crystal_grow.method          'VAPOR DIFFUSION, SITTING DROP' 
_exptl_crystal_grow.method_ref      ? 
_exptl_crystal_grow.pH              7.0 
_exptl_crystal_grow.pressure        ? 
_exptl_crystal_grow.pressure_esd    ? 
_exptl_crystal_grow.seeding         ? 
_exptl_crystal_grow.seeding_ref     ? 
_exptl_crystal_grow.temp            293 
_exptl_crystal_grow.temp_details    ? 
_exptl_crystal_grow.temp_esd        ? 
_exptl_crystal_grow.time            ? 
_exptl_crystal_grow.pdbx_details    
;2.5 mM Sodium Cacodylate, 1 mM 
Magnesium chloride, 1 mM Spermine tetrahydrochloride, 1.5 mM Zinc Chloride, 1% PEG 200
;
_exptl_crystal_grow.pdbx_pH_range   ? 
# 
_diffrn.ambient_environment              ? 
_diffrn.ambient_temp                     100 
_diffrn.ambient_temp_details             ? 
_diffrn.ambient_temp_esd                 ? 
_diffrn.crystal_id                       1 
_diffrn.crystal_support                  ? 
_diffrn.crystal_treatment                ? 
_diffrn.details                          ? 
_diffrn.id                               1 
_diffrn.ambient_pressure                 ? 
_diffrn.ambient_pressure_esd             ? 
_diffrn.ambient_pressure_gt              ? 
_diffrn.ambient_pressure_lt              ? 
_diffrn.ambient_temp_gt                  ? 
_diffrn.ambient_temp_lt                  ? 
_diffrn.pdbx_serial_crystal_experiment   N 
# 
_diffrn_detector.details                      ? 
_diffrn_detector.detector                     CCD 
_diffrn_detector.diffrn_id                    1 
_diffrn_detector.type                         'RAYONIX MX300HE' 
_diffrn_detector.area_resol_mean              ? 
_diffrn_detector.dtime                        ? 
_diffrn_detector.pdbx_frames_total            ? 
_diffrn_detector.pdbx_collection_time_total   ? 
_diffrn_detector.pdbx_collection_date         2016-12-19 
_diffrn_detector.pdbx_frequency               ? 
# 
_diffrn_radiation.collimation                      ? 
_diffrn_radiation.diffrn_id                        1 
_diffrn_radiation.filter_edge                      ? 
_diffrn_radiation.inhomogeneity                    ? 
_diffrn_radiation.monochromator                    ? 
_diffrn_radiation.polarisn_norm                    ? 
_diffrn_radiation.polarisn_ratio                   ? 
_diffrn_radiation.probe                            ? 
_diffrn_radiation.type                             ? 
_diffrn_radiation.xray_symbol                      ? 
_diffrn_radiation.wavelength_id                    1 
_diffrn_radiation.pdbx_monochromatic_or_laue_m_l   M 
_diffrn_radiation.pdbx_wavelength_list             ? 
_diffrn_radiation.pdbx_wavelength                  ? 
_diffrn_radiation.pdbx_diffrn_protocol             'SINGLE WAVELENGTH' 
_diffrn_radiation.pdbx_analyzer                    ? 
_diffrn_radiation.pdbx_scattering_type             x-ray 
# 
_diffrn_radiation_wavelength.id           1 
_diffrn_radiation_wavelength.wavelength   1.00000 
_diffrn_radiation_wavelength.wt           1.0 
# 
_diffrn_source.current                     ? 
_diffrn_source.details                     ? 
_diffrn_source.diffrn_id                   1 
_diffrn_source.power                       ? 
_diffrn_source.size                        ? 
_diffrn_source.source                      SYNCHROTRON 
_diffrn_source.target                      ? 
_diffrn_source.type                        'NSRRC BEAMLINE BL15A1' 
_diffrn_source.voltage                     ? 
_diffrn_source.take-off_angle              ? 
_diffrn_source.pdbx_wavelength_list        1.00000 
_diffrn_source.pdbx_wavelength             ? 
_diffrn_source.pdbx_synchrotron_beamline   BL15A1 
_diffrn_source.pdbx_synchrotron_site       NSRRC 
# 
_reflns.B_iso_Wilson_estimate            ? 
_reflns.entry_id                         7DQ0 
_reflns.data_reduction_details           ? 
_reflns.data_reduction_method            ? 
_reflns.d_resolution_high                2.000 
_reflns.d_resolution_low                 30.000 
_reflns.details                          ? 
_reflns.limit_h_max                      ? 
_reflns.limit_h_min                      ? 
_reflns.limit_k_max                      ? 
_reflns.limit_k_min                      ? 
_reflns.limit_l_max                      ? 
_reflns.limit_l_min                      ? 
_reflns.number_all                       ? 
_reflns.number_obs                       7257 
_reflns.observed_criterion               ? 
_reflns.observed_criterion_F_max         ? 
_reflns.observed_criterion_F_min         ? 
_reflns.observed_criterion_I_max         ? 
_reflns.observed_criterion_I_min         ? 
_reflns.observed_criterion_sigma_F       ? 
_reflns.observed_criterion_sigma_I       ? 
_reflns.percent_possible_obs             98.800 
_reflns.R_free_details                   ? 
_reflns.Rmerge_F_all                     ? 
_reflns.Rmerge_F_obs                     ? 
_reflns.Friedel_coverage                 ? 
_reflns.number_gt                        ? 
_reflns.threshold_expression             ? 
_reflns.pdbx_redundancy                  9.700 
_reflns.pdbx_Rmerge_I_obs                0.033 
_reflns.pdbx_Rmerge_I_all                ? 
_reflns.pdbx_Rsym_value                  ? 
_reflns.pdbx_netI_over_av_sigmaI         ? 
_reflns.pdbx_netI_over_sigmaI            12.300 
_reflns.pdbx_res_netI_over_av_sigmaI_2   ? 
_reflns.pdbx_res_netI_over_sigmaI_2      ? 
_reflns.pdbx_chi_squared                 0.831 
_reflns.pdbx_scaling_rejects             ? 
_reflns.pdbx_d_res_high_opt              ? 
_reflns.pdbx_d_res_low_opt               ? 
_reflns.pdbx_d_res_opt_method            ? 
_reflns.phase_calculation_details        ? 
_reflns.pdbx_Rrim_I_all                  0.035 
_reflns.pdbx_Rpim_I_all                  0.012 
_reflns.pdbx_d_opt                       ? 
_reflns.pdbx_number_measured_all         ? 
_reflns.pdbx_diffrn_id                   1 
_reflns.pdbx_ordinal                     1 
_reflns.pdbx_CC_half                     ? 
_reflns.pdbx_CC_star                     ? 
_reflns.pdbx_R_split                     ? 
# 
loop_
_reflns_shell.d_res_high 
_reflns_shell.d_res_low 
_reflns_shell.meanI_over_sigI_all 
_reflns_shell.meanI_over_sigI_obs 
_reflns_shell.number_measured_all 
_reflns_shell.number_measured_obs 
_reflns_shell.number_possible 
_reflns_shell.number_unique_all 
_reflns_shell.number_unique_obs 
_reflns_shell.percent_possible_all 
_reflns_shell.percent_possible_obs 
_reflns_shell.Rmerge_F_all 
_reflns_shell.Rmerge_F_obs 
_reflns_shell.Rmerge_I_all 
_reflns_shell.Rmerge_I_obs 
_reflns_shell.meanI_over_sigI_gt 
_reflns_shell.meanI_over_uI_all 
_reflns_shell.meanI_over_uI_gt 
_reflns_shell.number_measured_gt 
_reflns_shell.number_unique_gt 
_reflns_shell.percent_possible_gt 
_reflns_shell.Rmerge_F_gt 
_reflns_shell.Rmerge_I_gt 
_reflns_shell.pdbx_redundancy 
_reflns_shell.pdbx_Rsym_value 
_reflns_shell.pdbx_chi_squared 
_reflns_shell.pdbx_netI_over_sigmaI_all 
_reflns_shell.pdbx_netI_over_sigmaI_obs 
_reflns_shell.pdbx_Rrim_I_all 
_reflns_shell.pdbx_Rpim_I_all 
_reflns_shell.pdbx_rejects 
_reflns_shell.pdbx_ordinal 
_reflns_shell.pdbx_diffrn_id 
_reflns_shell.pdbx_CC_half 
_reflns_shell.pdbx_CC_star 
_reflns_shell.pdbx_R_split 
2.000 2.070  ? ? ? ? ? ? 445 98.500  ? ? ? ? 0.230 ? ? ? ? ? ? ? ? 8.300  ? 0.767 ? ? 0.244 0.081 ? 1  1 0.996 ? ? 
2.070 2.150  ? ? ? ? ? ? 481 99.600  ? ? ? ? 0.222 ? ? ? ? ? ? ? ? 9.900  ? 0.733 ? ? 0.235 0.074 ? 2  1 0.998 ? ? 
2.150 2.250  ? ? ? ? ? ? 458 100.000 ? ? ? ? 0.185 ? ? ? ? ? ? ? ? 11.300 ? 0.762 ? ? 0.194 0.058 ? 3  1 0.999 ? ? 
2.250 2.370  ? ? ? ? ? ? 467 99.800  ? ? ? ? 0.157 ? ? ? ? ? ? ? ? 11.700 ? 0.778 ? ? 0.165 0.049 ? 4  1 0.998 ? ? 
2.370 2.520  ? ? ? ? ? ? 487 99.800  ? ? ? ? 0.111 ? ? ? ? ? ? ? ? 11.500 ? 0.845 ? ? 0.117 0.035 ? 5  1 0.998 ? ? 
2.520 2.710  ? ? ? ? ? ? 472 99.800  ? ? ? ? 0.081 ? ? ? ? ? ? ? ? 11.100 ? 0.850 ? ? 0.085 0.026 ? 6  1 0.998 ? ? 
2.710 2.990  ? ? ? ? ? ? 474 99.600  ? ? ? ? 0.046 ? ? ? ? ? ? ? ? 10.600 ? 0.773 ? ? 0.049 0.015 ? 7  1 1.000 ? ? 
2.990 3.420  ? ? ? ? ? ? 487 97.000  ? ? ? ? 0.027 ? ? ? ? ? ? ? ? 9.100  ? 0.902 ? ? 0.029 0.011 ? 8  1 0.999 ? ? 
3.420 4.310  ? ? ? ? ? ? 506 97.900  ? ? ? ? 0.021 ? ? ? ? ? ? ? ? 7.900  ? 0.977 ? ? 0.023 0.008 ? 9  1 1.000 ? ? 
4.310 30.000 ? ? ? ? ? ? 553 96.300  ? ? ? ? 0.016 ? ? ? ? ? ? ? ? 6.300  ? 1.015 ? ? 0.017 0.007 ? 10 1 0.999 ? ? 
# 
_refine.aniso_B[1][1]                            ? 
_refine.aniso_B[1][2]                            ? 
_refine.aniso_B[1][3]                            ? 
_refine.aniso_B[2][2]                            ? 
_refine.aniso_B[2][3]                            ? 
_refine.aniso_B[3][3]                            ? 
_refine.B_iso_max                                98.570 
_refine.B_iso_mean                               28.3076 
_refine.B_iso_min                                11.960 
_refine.correlation_coeff_Fo_to_Fc               ? 
_refine.correlation_coeff_Fo_to_Fc_free          ? 
_refine.details                                  
'The entry contains friedel pairs in F_plus/minus columns and I_plus/minus columns' 
_refine.diff_density_max                         ? 
_refine.diff_density_max_esd                     ? 
_refine.diff_density_min                         ? 
_refine.diff_density_min_esd                     ? 
_refine.diff_density_rms                         ? 
_refine.diff_density_rms_esd                     ? 
_refine.entry_id                                 7DQ0 
_refine.pdbx_refine_id                           'X-RAY DIFFRACTION' 
_refine.ls_abs_structure_details                 ? 
_refine.ls_abs_structure_Flack                   ? 
_refine.ls_abs_structure_Flack_esd               ? 
_refine.ls_abs_structure_Rogers                  ? 
_refine.ls_abs_structure_Rogers_esd              ? 
_refine.ls_d_res_high                            2.0000 
_refine.ls_d_res_low                             25.2200 
_refine.ls_extinction_coef                       ? 
_refine.ls_extinction_coef_esd                   ? 
_refine.ls_extinction_expression                 ? 
_refine.ls_extinction_method                     ? 
_refine.ls_goodness_of_fit_all                   ? 
_refine.ls_goodness_of_fit_all_esd               ? 
_refine.ls_goodness_of_fit_obs                   ? 
_refine.ls_goodness_of_fit_obs_esd               ? 
_refine.ls_hydrogen_treatment                    ? 
_refine.ls_matrix_type                           ? 
_refine.ls_number_constraints                    ? 
_refine.ls_number_parameters                     ? 
_refine.ls_number_reflns_all                     ? 
_refine.ls_number_reflns_obs                     7257 
_refine.ls_number_reflns_R_free                  716 
_refine.ls_number_reflns_R_work                  6541 
_refine.ls_number_restraints                     ? 
_refine.ls_percent_reflns_obs                    88.0100 
_refine.ls_percent_reflns_R_free                 9.8700 
_refine.ls_R_factor_all                          ? 
_refine.ls_R_factor_obs                          0.2333 
_refine.ls_R_factor_R_free                       0.2494 
_refine.ls_R_factor_R_free_error                 ? 
_refine.ls_R_factor_R_free_error_details         ? 
_refine.ls_R_factor_R_work                       0.2316 
_refine.ls_R_Fsqd_factor_obs                     ? 
_refine.ls_R_I_factor_obs                        ? 
_refine.ls_redundancy_reflns_all                 ? 
_refine.ls_redundancy_reflns_obs                 ? 
_refine.ls_restrained_S_all                      ? 
_refine.ls_restrained_S_obs                      ? 
_refine.ls_shift_over_esd_max                    ? 
_refine.ls_shift_over_esd_mean                   ? 
_refine.ls_structure_factor_coef                 ? 
_refine.ls_weighting_details                     ? 
_refine.ls_weighting_scheme                      ? 
_refine.ls_wR_factor_all                         ? 
_refine.ls_wR_factor_obs                         ? 
_refine.ls_wR_factor_R_free                      ? 
_refine.ls_wR_factor_R_work                      ? 
_refine.occupancy_max                            ? 
_refine.occupancy_min                            ? 
_refine.solvent_model_details                    'FLAT BULK SOLVENT MODEL' 
_refine.solvent_model_param_bsol                 ? 
_refine.solvent_model_param_ksol                 ? 
_refine.pdbx_R_complete                          ? 
_refine.ls_R_factor_gt                           ? 
_refine.ls_goodness_of_fit_gt                    ? 
_refine.ls_goodness_of_fit_ref                   ? 
_refine.ls_shift_over_su_max                     ? 
_refine.ls_shift_over_su_max_lt                  ? 
_refine.ls_shift_over_su_mean                    ? 
_refine.ls_shift_over_su_mean_lt                 ? 
_refine.pdbx_ls_sigma_I                          ? 
_refine.pdbx_ls_sigma_F                          1.350 
_refine.pdbx_ls_sigma_Fsqd                       ? 
_refine.pdbx_data_cutoff_high_absF               ? 
_refine.pdbx_data_cutoff_high_rms_absF           ? 
_refine.pdbx_data_cutoff_low_absF                ? 
_refine.pdbx_isotropic_thermal_model             ? 
_refine.pdbx_ls_cross_valid_method               THROUGHOUT 
_refine.pdbx_method_to_determine_struct          'MOLECULAR REPLACEMENT' 
_refine.pdbx_starting_model                      '5YTZ, 1MNV' 
_refine.pdbx_stereochemistry_target_values       ML 
_refine.pdbx_R_Free_selection_details            ? 
_refine.pdbx_stereochem_target_val_spec_case     ? 
_refine.pdbx_overall_ESU_R                       ? 
_refine.pdbx_overall_ESU_R_Free                  ? 
_refine.pdbx_solvent_vdw_probe_radii             1.1100 
_refine.pdbx_solvent_ion_probe_radii             ? 
_refine.pdbx_solvent_shrinkage_radii             0.9000 
_refine.pdbx_real_space_R                        ? 
_refine.pdbx_density_correlation                 ? 
_refine.pdbx_pd_number_of_powder_patterns        ? 
_refine.pdbx_pd_number_of_points                 ? 
_refine.pdbx_pd_meas_number_of_points            ? 
_refine.pdbx_pd_proc_ls_prof_R_factor            ? 
_refine.pdbx_pd_proc_ls_prof_wR_factor           ? 
_refine.pdbx_pd_Marquardt_correlation_coeff      ? 
_refine.pdbx_pd_Fsqrd_R_factor                   ? 
_refine.pdbx_pd_ls_matrix_band_width             ? 
_refine.pdbx_overall_phase_error                 24.6600 
_refine.pdbx_overall_SU_R_free_Cruickshank_DPI   ? 
_refine.pdbx_overall_SU_R_free_Blow_DPI          ? 
_refine.pdbx_overall_SU_R_Blow_DPI               ? 
_refine.pdbx_TLS_residual_ADP_flag               ? 
_refine.pdbx_diffrn_id                           1 
_refine.overall_SU_B                             ? 
_refine.overall_SU_ML                            0.2000 
_refine.overall_SU_R_Cruickshank_DPI             ? 
_refine.overall_SU_R_free                        ? 
_refine.overall_FOM_free_R_set                   ? 
_refine.overall_FOM_work_R_set                   ? 
_refine.pdbx_average_fsc_overall                 ? 
_refine.pdbx_average_fsc_work                    ? 
_refine.pdbx_average_fsc_free                    ? 
# 
_refine_hist.pdbx_refine_id                   'X-RAY DIFFRACTION' 
_refine_hist.cycle_id                         final 
_refine_hist.details                          ? 
_refine_hist.d_res_high                       2.0000 
_refine_hist.d_res_low                        25.2200 
_refine_hist.number_atoms_solvent             25 
_refine_hist.number_atoms_total               482 
_refine_hist.number_reflns_all                ? 
_refine_hist.number_reflns_obs                ? 
_refine_hist.number_reflns_R_free             ? 
_refine_hist.number_reflns_R_work             ? 
_refine_hist.R_factor_all                     ? 
_refine_hist.R_factor_obs                     ? 
_refine_hist.R_factor_R_free                  ? 
_refine_hist.R_factor_R_work                  ? 
_refine_hist.pdbx_number_residues_total       34 
_refine_hist.pdbx_B_iso_mean_ligand           26.68 
_refine_hist.pdbx_B_iso_mean_solvent          26.61 
_refine_hist.pdbx_number_atoms_protein        155 
_refine_hist.pdbx_number_atoms_nucleic_acid   286 
_refine_hist.pdbx_number_atoms_ligand         16 
_refine_hist.pdbx_number_atoms_lipid          ? 
_refine_hist.pdbx_number_atoms_carb           ? 
_refine_hist.pdbx_pseudo_atom_details         ? 
# 
loop_
_refine_ls_shell.pdbx_refine_id 
_refine_ls_shell.d_res_high 
_refine_ls_shell.d_res_low 
_refine_ls_shell.number_reflns_all 
_refine_ls_shell.number_reflns_obs 
_refine_ls_shell.number_reflns_R_free 
_refine_ls_shell.number_reflns_R_work 
_refine_ls_shell.percent_reflns_obs 
_refine_ls_shell.percent_reflns_R_free 
_refine_ls_shell.R_factor_all 
_refine_ls_shell.R_factor_obs 
_refine_ls_shell.R_factor_R_free 
_refine_ls_shell.R_factor_R_free_error 
_refine_ls_shell.R_factor_R_work 
_refine_ls_shell.redundancy_reflns_all 
_refine_ls_shell.redundancy_reflns_obs 
_refine_ls_shell.wR_factor_all 
_refine_ls_shell.wR_factor_obs 
_refine_ls_shell.wR_factor_R_free 
_refine_ls_shell.wR_factor_R_work 
_refine_ls_shell.pdbx_R_complete 
_refine_ls_shell.pdbx_total_number_of_bins_used 
_refine_ls_shell.pdbx_phase_error 
_refine_ls_shell.pdbx_fsc_work 
_refine_ls_shell.pdbx_fsc_free 
'X-RAY DIFFRACTION' 2.0000 2.1500  984  . 98  886  59.0000  . . . 0.2730 0.0000 0.2844 . . . . . . . 5 . . . 
'X-RAY DIFFRACTION' 2.1500 2.3700  1385 . 134 1251 85.0000  . . . 0.2876 0.0000 0.2659 . . . . . . . 5 . . . 
'X-RAY DIFFRACTION' 2.3700 2.7100  1653 . 164 1489 100.0000 . . . 0.3098 0.0000 0.2662 . . . . . . . 5 . . . 
'X-RAY DIFFRACTION' 2.7100 3.4100  1621 . 161 1460 99.0000  . . . 0.2507 0.0000 0.2436 . . . . . . . 5 . . . 
'X-RAY DIFFRACTION' 3.4100 25.2200 1614 . 159 1455 98.0000  . . . 0.2085 0.0000 0.1922 . . . . . . . 5 . . . 
# 
_struct.entry_id                     7DQ0 
_struct.title                        'Crystal structure of actinomycin D-echinomycin-d(ACGTGCT/AGCTCGT) complex' 
_struct.pdbx_model_details           ? 
_struct.pdbx_formula_weight          ? 
_struct.pdbx_formula_weight_method   ? 
_struct.pdbx_model_type_details      ? 
_struct.pdbx_CASP_flag               N 
# 
_struct_keywords.entry_id        7DQ0 
_struct_keywords.text            'Drug-DNA complex, DNA mismatch, DNA unwinding, DNA deformation, DNA, ANTIBIOTIC-DNA complex' 
_struct_keywords.pdbx_keywords   ANTIBIOTIC/DNA 
# 
loop_
_struct_asym.id 
_struct_asym.pdbx_blank_PDB_chainid_flag 
_struct_asym.pdbx_modified 
_struct_asym.entity_id 
_struct_asym.details 
A N N 1 ? 
B N N 2 ? 
C N N 3 ? 
D N N 4 ? 
E N N 5 ? 
F N N 5 ? 
G N N 6 ? 
H N N 5 ? 
I N N 7 ? 
J N N 7 ? 
K N N 8 ? 
L N N 8 ? 
M N N 8 ? 
N N N 8 ? 
# 
loop_
_struct_ref.id 
_struct_ref.db_name 
_struct_ref.db_code 
_struct_ref.pdbx_db_accession 
_struct_ref.pdbx_db_isoform 
_struct_ref.entity_id 
_struct_ref.pdbx_seq_one_letter_code 
_struct_ref.pdbx_align_begin 
1 PDB 7DQ0 7DQ0     ? 1 ? 1 
2 PDB 7DQ0 7DQ0     ? 2 ? 1 
3 NOR 7DQ0 NOR00228 ? 3 ? 1 
4 NOR 7DQ0 NOR01126 ? 4 ? 1 
# 
loop_
_struct_ref_seq.align_id 
_struct_ref_seq.ref_id 
_struct_ref_seq.pdbx_PDB_id_code 
_struct_ref_seq.pdbx_strand_id 
_struct_ref_seq.seq_align_beg 
_struct_ref_seq.pdbx_seq_align_beg_ins_code 
_struct_ref_seq.seq_align_end 
_struct_ref_seq.pdbx_seq_align_end_ins_code 
_struct_ref_seq.pdbx_db_accession 
_struct_ref_seq.db_align_beg 
_struct_ref_seq.pdbx_db_align_beg_ins_code 
_struct_ref_seq.db_align_end 
_struct_ref_seq.pdbx_db_align_end_ins_code 
_struct_ref_seq.pdbx_auth_seq_align_beg 
_struct_ref_seq.pdbx_auth_seq_align_end 
1 1 7DQ0 A 1 ? 7  ? 7DQ0 1 ? 7  ? 1 7  
2 2 7DQ0 B 1 ? 7  ? 7DQ0 1 ? 7  ? 1 7  
3 3 7DQ0 C 1 ? 11 ? 7DQ0 1 ? 11 ? 1 11 
4 4 7DQ0 D 1 ? 8  ? 7DQ0 1 ? 8  ? 1 8  
# 
_pdbx_struct_assembly.id                   1 
_pdbx_struct_assembly.details              author_defined_assembly 
_pdbx_struct_assembly.method_details       ? 
_pdbx_struct_assembly.oligomeric_details   tetrameric 
_pdbx_struct_assembly.oligomeric_count     4 
# 
loop_
_pdbx_struct_assembly_prop.biol_id 
_pdbx_struct_assembly_prop.type 
_pdbx_struct_assembly_prop.value 
_pdbx_struct_assembly_prop.details 
1 'ABSA (A^2)' 4870 ? 
1 MORE         -72  ? 
1 'SSA (A^2)'  2790 ? 
# 
_pdbx_struct_assembly_gen.assembly_id       1 
_pdbx_struct_assembly_gen.oper_expression   1 
_pdbx_struct_assembly_gen.asym_id_list      A,B,C,D,E,F,G,H,I,J,K,L,M,N 
# 
_pdbx_struct_assembly_auth_evidence.id                     1 
_pdbx_struct_assembly_auth_evidence.assembly_id            1 
_pdbx_struct_assembly_auth_evidence.experimental_support   none 
_pdbx_struct_assembly_auth_evidence.details                ? 
# 
_pdbx_struct_oper_list.id                   1 
_pdbx_struct_oper_list.type                 'identity operation' 
_pdbx_struct_oper_list.name                 1_555 
_pdbx_struct_oper_list.symmetry_operation   x,y,z 
_pdbx_struct_oper_list.matrix[1][1]         1.0000000000 
_pdbx_struct_oper_list.matrix[1][2]         0.0000000000 
_pdbx_struct_oper_list.matrix[1][3]         0.0000000000 
_pdbx_struct_oper_list.vector[1]            0.0000000000 
_pdbx_struct_oper_list.matrix[2][1]         0.0000000000 
_pdbx_struct_oper_list.matrix[2][2]         1.0000000000 
_pdbx_struct_oper_list.matrix[2][3]         0.0000000000 
_pdbx_struct_oper_list.vector[2]            0.0000000000 
_pdbx_struct_oper_list.matrix[3][1]         0.0000000000 
_pdbx_struct_oper_list.matrix[3][2]         0.0000000000 
_pdbx_struct_oper_list.matrix[3][3]         1.0000000000 
_pdbx_struct_oper_list.vector[3]            0.0000000000 
# 
loop_
_struct_conn.id 
_struct_conn.conn_type_id 
_struct_conn.pdbx_leaving_atom_flag 
_struct_conn.pdbx_PDB_id 
_struct_conn.ptnr1_label_asym_id 
_struct_conn.ptnr1_label_comp_id 
_struct_conn.ptnr1_label_seq_id 
_struct_conn.ptnr1_label_atom_id 
_struct_conn.pdbx_ptnr1_label_alt_id 
_struct_conn.pdbx_ptnr1_PDB_ins_code 
_struct_conn.pdbx_ptnr1_standard_comp_id 
_struct_conn.ptnr1_symmetry 
_struct_conn.ptnr2_label_asym_id 
_struct_conn.ptnr2_label_comp_id 
_struct_conn.ptnr2_label_seq_id 
_struct_conn.ptnr2_label_atom_id 
_struct_conn.pdbx_ptnr2_label_alt_id 
_struct_conn.pdbx_ptnr2_PDB_ins_code 
_struct_conn.ptnr1_auth_asym_id 
_struct_conn.ptnr1_auth_comp_id 
_struct_conn.ptnr1_auth_seq_id 
_struct_conn.ptnr2_auth_asym_id 
_struct_conn.ptnr2_auth_comp_id 
_struct_conn.ptnr2_auth_seq_id 
_struct_conn.ptnr2_symmetry 
_struct_conn.pdbx_ptnr3_label_atom_id 
_struct_conn.pdbx_ptnr3_label_seq_id 
_struct_conn.pdbx_ptnr3_label_comp_id 
_struct_conn.pdbx_ptnr3_label_asym_id 
_struct_conn.pdbx_ptnr3_label_alt_id 
_struct_conn.pdbx_ptnr3_PDB_ins_code 
_struct_conn.details 
_struct_conn.pdbx_dist_value 
_struct_conn.pdbx_value_order 
_struct_conn.pdbx_role 
disulf1  disulf ?    ? D N2C 3  SG  ? ? ? 1_555 D NCY 7  SG    ? ? D N2C 3   D NCY 7   1_555 ? ? ? ? ? ? ?            2.607 ? ? 
covale1  covale both ? C THR 1  C   ? ? ? 1_555 C DVA 2  N     ? ? C THR 1   C DVA 2   1_555 ? ? ? ? ? ? ?            1.325 ? ? 
covale2  covale one  ? C THR 1  OG1 ? ? ? 1_555 C MVA 5  C     ? ? C THR 1   C MVA 5   1_555 ? ? ? ? ? ? ?            1.376 ? ? 
covale3  covale both ? C THR 1  N   ? ? ? 1_555 C PXZ 6  "C0'" ? ? C THR 1   C PXZ 6   1_555 ? ? ? ? ? ? ?            1.428 ? ? 
covale4  covale both ? C DVA 2  C   ? ? ? 1_555 C PRO 3  N     ? ? C DVA 2   C PRO 3   1_555 ? ? ? ? ? ? ?            1.341 ? ? 
covale5  covale both ? C PRO 3  C   ? ? ? 1_555 C SAR 4  N     ? ? C PRO 3   C SAR 4   1_555 ? ? ? ? ? ? ?            1.331 ? ? 
covale6  covale both ? C SAR 4  C   ? ? ? 1_555 C MVA 5  N     ? ? C SAR 4   C MVA 5   1_555 ? ? ? ? ? ? ?            1.335 ? ? 
covale7  covale both ? C PXZ 6  C0  ? ? ? 1_555 C THR 7  N     ? ? C PXZ 6   C THR 7   1_555 ? ? ? ? ? ? ?            1.429 ? ? 
covale8  covale both ? C THR 7  C   ? ? ? 1_555 C DVA 8  N     ? ? C THR 7   C DVA 8   1_555 ? ? ? ? ? ? ?            1.323 ? ? 
covale9  covale one  ? C THR 7  OG1 ? ? ? 1_555 C MVA 11 C     ? ? C THR 7   C MVA 11  1_555 ? ? ? ? ? ? ?            1.373 ? ? 
covale10 covale both ? C DVA 8  C   ? ? ? 1_555 C PRO 9  N     ? ? C DVA 8   C PRO 9   1_555 ? ? ? ? ? ? ?            1.341 ? ? 
covale11 covale both ? C PRO 9  C   ? ? ? 1_555 C SAR 10 N     ? ? C PRO 9   C SAR 10  1_555 ? ? ? ? ? ? ?            1.330 ? ? 
covale12 covale both ? C SAR 10 C   ? ? ? 1_555 C MVA 11 N     ? ? C SAR 10  C MVA 11  1_555 ? ? ? ? ? ? ?            1.332 ? ? 
covale13 covale both ? D DSN 1  C   ? ? ? 1_555 D ALA 2  N     ? ? D DSN 1   D ALA 2   1_555 ? ? ? ? ? ? ?            1.314 ? ? 
covale14 covale one  ? D DSN 1  OG  ? ? ? 1_555 D MVA 8  C     ? ? D DSN 1   D MVA 8   1_555 ? ? ? ? ? ? ?            1.382 ? ? 
covale15 covale both ? D DSN 1  N   ? ? ? 1_555 J QUI .  C     ? ? D DSN 1   D QUI 102 1_555 ? ? ? ? ? ? ?            1.424 ? ? 
covale16 covale both ? D ALA 2  C   ? ? ? 1_555 D N2C 3  N     ? ? D ALA 2   D N2C 3   1_555 ? ? ? ? ? ? ?            1.336 ? ? 
covale17 covale both ? D N2C 3  C   ? ? ? 1_555 D MVA 4  N     ? ? D N2C 3   D MVA 4   1_555 ? ? ? ? ? ? ?            1.345 ? ? 
covale18 covale both ? D N2C 3  CB  ? ? ? 1_555 D NCY 7  SG    ? ? D N2C 3   D NCY 7   1_555 ? ? ? ? ? ? ?            1.769 ? ? 
covale19 covale one  ? D MVA 4  C   ? ? ? 1_555 D DSN 5  OG    ? ? D MVA 4   D DSN 5   1_555 ? ? ? ? ? ? ?            1.382 ? ? 
covale20 covale both ? D DSN 5  C   ? ? ? 1_555 D ALA 6  N     ? ? D DSN 5   D ALA 6   1_555 ? ? ? ? ? ? ?            1.343 ? ? 
covale21 covale both ? D DSN 5  N   ? ? ? 1_555 I QUI .  C     ? ? D DSN 5   D QUI 101 1_555 ? ? ? ? ? ? ?            1.421 ? ? 
covale22 covale both ? D ALA 6  C   ? ? ? 1_555 D NCY 7  N     ? ? D ALA 6   D NCY 7   1_555 ? ? ? ? ? ? ?            1.323 ? ? 
covale23 covale both ? D NCY 7  C   ? ? ? 1_555 D MVA 8  N     ? ? D NCY 7   D MVA 8   1_555 ? ? ? ? ? ? ?            1.326 ? ? 
metalc1  metalc ?    ? A DA  1  N7  ? ? ? 1_555 E ZN  .  ZN    ? ? A DA  1   A ZN  101 1_555 ? ? ? ? ? ? ?            2.332 ? ? 
metalc2  metalc ?    ? A DT  4  OP2 ? ? ? 1_555 F ZN  .  ZN    ? ? A DT  4   A ZN  102 7_555 ? ? ? ? ? ? ?            1.945 ? ? 
metalc3  metalc ?    ? A DG  6  N7  ? ? ? 1_555 F ZN  .  ZN    ? ? A DG  6   A ZN  102 1_555 ? ? ? ? ? ? ?            2.004 ? ? 
metalc4  metalc ?    ? E ZN  .  ZN  ? ? ? 1_555 K HOH .  O     ? ? A ZN  101 A HOH 205 1_555 ? ? ? ? ? ? ?            1.722 ? ? 
metalc5  metalc ?    ? E ZN  .  ZN  ? ? ? 1_555 K HOH .  O     ? ? A ZN  101 A HOH 213 3_545 ? ? ? ? ? ? ?            1.892 ? ? 
metalc6  metalc ?    ? F ZN  .  ZN  ? ? ? 1_555 K HOH .  O     ? ? A ZN  102 A HOH 203 1_555 ? ? ? ? ? ? ?            2.213 ? ? 
metalc7  metalc ?    ? F ZN  .  ZN  ? ? ? 1_555 K HOH .  O     ? ? A ZN  102 A HOH 209 7_555 ? ? ? ? ? ? ?            2.479 ? ? 
hydrog1  hydrog ?    ? A DA  1  N1  ? ? ? 1_555 B DT  7  N3    ? ? A DA  1   B DT  7   1_555 ? ? ? ? ? ? WATSON-CRICK ?     ? ? 
hydrog2  hydrog ?    ? A DA  1  N6  ? ? ? 1_555 B DT  7  O4    ? ? A DA  1   B DT  7   1_555 ? ? ? ? ? ? WATSON-CRICK ?     ? ? 
hydrog3  hydrog ?    ? A DG  2  N1  ? ? ? 1_555 B DC  6  N3    ? ? A DG  2   B DC  6   1_555 ? ? ? ? ? ? WATSON-CRICK ?     ? ? 
hydrog4  hydrog ?    ? A DG  2  N2  ? ? ? 1_555 B DC  6  O2    ? ? A DG  2   B DC  6   1_555 ? ? ? ? ? ? WATSON-CRICK ?     ? ? 
hydrog5  hydrog ?    ? A DG  2  O6  ? ? ? 1_555 B DC  6  N4    ? ? A DG  2   B DC  6   1_555 ? ? ? ? ? ? WATSON-CRICK ?     ? ? 
hydrog6  hydrog ?    ? A DC  3  N3  ? ? ? 1_555 B DT  4  N3    ? ? A DC  3   B DT  4   1_555 ? ? ? ? ? ? TYPE_18_PAIR ?     ? ? 
hydrog7  hydrog ?    ? A DC  3  N4  ? ? ? 1_555 B DT  4  O4    ? ? A DC  3   B DT  4   1_555 ? ? ? ? ? ? TYPE_18_PAIR ?     ? ? 
hydrog8  hydrog ?    ? A DC  3  N3  ? ? ? 1_555 B DG  5  N1    ? ? A DC  3   B DG  5   1_555 ? ? ? ? ? ? WATSON-CRICK ?     ? ? 
hydrog9  hydrog ?    ? A DC  3  N4  ? ? ? 1_555 B DG  5  O6    ? ? A DC  3   B DG  5   1_555 ? ? ? ? ? ? WATSON-CRICK ?     ? ? 
hydrog10 hydrog ?    ? A DC  3  O2  ? ? ? 1_555 B DG  5  N2    ? ? A DC  3   B DG  5   1_555 ? ? ? ? ? ? WATSON-CRICK ?     ? ? 
hydrog11 hydrog ?    ? A DT  4  N3  ? ? ? 1_555 B DT  4  O2    ? ? A DT  4   B DT  4   1_555 ? ? ? ? ? ? TYPE_16_PAIR ?     ? ? 
hydrog12 hydrog ?    ? A DT  4  O4  ? ? ? 1_555 B DT  4  N3    ? ? A DT  4   B DT  4   1_555 ? ? ? ? ? ? TYPE_16_PAIR ?     ? ? 
hydrog13 hydrog ?    ? A DC  5  N3  ? ? ? 1_555 B DG  3  N1    ? ? A DC  5   B DG  3   1_555 ? ? ? ? ? ? WATSON-CRICK ?     ? ? 
hydrog14 hydrog ?    ? A DC  5  N4  ? ? ? 1_555 B DG  3  O6    ? ? A DC  5   B DG  3   1_555 ? ? ? ? ? ? WATSON-CRICK ?     ? ? 
hydrog15 hydrog ?    ? A DC  5  O2  ? ? ? 1_555 B DG  3  N2    ? ? A DC  5   B DG  3   1_555 ? ? ? ? ? ? WATSON-CRICK ?     ? ? 
hydrog16 hydrog ?    ? A DG  6  N1  ? ? ? 1_555 B DC  2  N3    ? ? A DG  6   B DC  2   1_555 ? ? ? ? ? ? WATSON-CRICK ?     ? ? 
hydrog17 hydrog ?    ? A DG  6  N2  ? ? ? 1_555 B DC  2  O2    ? ? A DG  6   B DC  2   1_555 ? ? ? ? ? ? WATSON-CRICK ?     ? ? 
hydrog18 hydrog ?    ? A DG  6  O6  ? ? ? 1_555 B DC  2  N4    ? ? A DG  6   B DC  2   1_555 ? ? ? ? ? ? WATSON-CRICK ?     ? ? 
hydrog19 hydrog ?    ? A DT  7  N3  ? ? ? 1_555 B DA  1  N1    ? ? A DT  7   B DA  1   1_555 ? ? ? ? ? ? WATSON-CRICK ?     ? ? 
hydrog20 hydrog ?    ? A DT  7  O4  ? ? ? 1_555 B DA  1  N6    ? ? A DT  7   B DA  1   1_555 ? ? ? ? ? ? WATSON-CRICK ?     ? ? 
# 
loop_
_struct_conn_type.id 
_struct_conn_type.criteria 
_struct_conn_type.reference 
disulf ? ? 
covale ? ? 
metalc ? ? 
hydrog ? ? 
# 
loop_
_pdbx_struct_conn_angle.id 
_pdbx_struct_conn_angle.ptnr1_label_atom_id 
_pdbx_struct_conn_angle.ptnr1_label_alt_id 
_pdbx_struct_conn_angle.ptnr1_label_asym_id 
_pdbx_struct_conn_angle.ptnr1_label_comp_id 
_pdbx_struct_conn_angle.ptnr1_label_seq_id 
_pdbx_struct_conn_angle.ptnr1_auth_atom_id 
_pdbx_struct_conn_angle.ptnr1_auth_asym_id 
_pdbx_struct_conn_angle.ptnr1_auth_comp_id 
_pdbx_struct_conn_angle.ptnr1_auth_seq_id 
_pdbx_struct_conn_angle.ptnr1_PDB_ins_code 
_pdbx_struct_conn_angle.ptnr1_symmetry 
_pdbx_struct_conn_angle.ptnr2_label_atom_id 
_pdbx_struct_conn_angle.ptnr2_label_alt_id 
_pdbx_struct_conn_angle.ptnr2_label_asym_id 
_pdbx_struct_conn_angle.ptnr2_label_comp_id 
_pdbx_struct_conn_angle.ptnr2_label_seq_id 
_pdbx_struct_conn_angle.ptnr2_auth_atom_id 
_pdbx_struct_conn_angle.ptnr2_auth_asym_id 
_pdbx_struct_conn_angle.ptnr2_auth_comp_id 
_pdbx_struct_conn_angle.ptnr2_auth_seq_id 
_pdbx_struct_conn_angle.ptnr2_PDB_ins_code 
_pdbx_struct_conn_angle.ptnr2_symmetry 
_pdbx_struct_conn_angle.ptnr3_label_atom_id 
_pdbx_struct_conn_angle.ptnr3_label_alt_id 
_pdbx_struct_conn_angle.ptnr3_label_asym_id 
_pdbx_struct_conn_angle.ptnr3_label_comp_id 
_pdbx_struct_conn_angle.ptnr3_label_seq_id 
_pdbx_struct_conn_angle.ptnr3_auth_atom_id 
_pdbx_struct_conn_angle.ptnr3_auth_asym_id 
_pdbx_struct_conn_angle.ptnr3_auth_comp_id 
_pdbx_struct_conn_angle.ptnr3_auth_seq_id 
_pdbx_struct_conn_angle.ptnr3_PDB_ins_code 
_pdbx_struct_conn_angle.ptnr3_symmetry 
_pdbx_struct_conn_angle.value 
_pdbx_struct_conn_angle.value_esd 
1 N7  ? A DA  1 ? A DA  1   ? 1_555 ZN ? E ZN . ? A ZN 101 ? 1_555 O  ? K HOH . ? A HOH 205 ? 1_555 78.8  ? 
2 N7  ? A DA  1 ? A DA  1   ? 1_555 ZN ? E ZN . ? A ZN 101 ? 1_555 O  ? K HOH . ? A HOH 213 ? 3_545 104.1 ? 
3 O   ? K HOH . ? A HOH 205 ? 1_555 ZN ? E ZN . ? A ZN 101 ? 1_555 O  ? K HOH . ? A HOH 213 ? 3_545 162.2 ? 
4 OP2 ? A DT  4 ? A DT  4   ? 1_555 ZN ? F ZN . ? A ZN 102 ? 7_555 N7 ? A DG  6 ? A DG  6   ? 1_555 133.2 ? 
5 OP2 ? A DT  4 ? A DT  4   ? 1_555 ZN ? F ZN . ? A ZN 102 ? 7_555 O  ? K HOH . ? A HOH 203 ? 1_555 145.0 ? 
6 N7  ? A DG  6 ? A DG  6   ? 1_555 ZN ? F ZN . ? A ZN 102 ? 7_555 O  ? K HOH . ? A HOH 203 ? 1_555 11.8  ? 
7 OP2 ? A DT  4 ? A DT  4   ? 1_555 ZN ? F ZN . ? A ZN 102 ? 7_555 O  ? K HOH . ? A HOH 209 ? 7_555 128.7 ? 
8 N7  ? A DG  6 ? A DG  6   ? 1_555 ZN ? F ZN . ? A ZN 102 ? 7_555 O  ? K HOH . ? A HOH 209 ? 7_555 13.8  ? 
9 O   ? K HOH . ? A HOH 203 ? 1_555 ZN ? F ZN . ? A ZN 102 ? 7_555 O  ? K HOH . ? A HOH 209 ? 7_555 19.3  ? 
# 
loop_
_struct_mon_prot_cis.pdbx_id 
_struct_mon_prot_cis.label_comp_id 
_struct_mon_prot_cis.label_seq_id 
_struct_mon_prot_cis.label_asym_id 
_struct_mon_prot_cis.label_alt_id 
_struct_mon_prot_cis.pdbx_PDB_ins_code 
_struct_mon_prot_cis.auth_comp_id 
_struct_mon_prot_cis.auth_seq_id 
_struct_mon_prot_cis.auth_asym_id 
_struct_mon_prot_cis.pdbx_label_comp_id_2 
_struct_mon_prot_cis.pdbx_label_seq_id_2 
_struct_mon_prot_cis.pdbx_label_asym_id_2 
_struct_mon_prot_cis.pdbx_PDB_ins_code_2 
_struct_mon_prot_cis.pdbx_auth_comp_id_2 
_struct_mon_prot_cis.pdbx_auth_seq_id_2 
_struct_mon_prot_cis.pdbx_auth_asym_id_2 
_struct_mon_prot_cis.pdbx_PDB_model_num 
_struct_mon_prot_cis.pdbx_omega_angle 
1 DVA 2 C . ? DVA 2 C PRO 3  C ? PRO 3  C 1 10.60 
2 PRO 3 C . ? PRO 3 C SAR 4  C ? SAR 4  C 1 -3.44 
3 DVA 8 C . ? DVA 8 C PRO 9  C ? PRO 9  C 1 11.27 
4 PRO 9 C . ? PRO 9 C SAR 10 C ? SAR 10 C 1 -3.67 
# 
loop_
_pdbx_validate_close_contact.id 
_pdbx_validate_close_contact.PDB_model_num 
_pdbx_validate_close_contact.auth_atom_id_1 
_pdbx_validate_close_contact.auth_asym_id_1 
_pdbx_validate_close_contact.auth_comp_id_1 
_pdbx_validate_close_contact.auth_seq_id_1 
_pdbx_validate_close_contact.PDB_ins_code_1 
_pdbx_validate_close_contact.label_alt_id_1 
_pdbx_validate_close_contact.auth_atom_id_2 
_pdbx_validate_close_contact.auth_asym_id_2 
_pdbx_validate_close_contact.auth_comp_id_2 
_pdbx_validate_close_contact.auth_seq_id_2 
_pdbx_validate_close_contact.PDB_ins_code_2 
_pdbx_validate_close_contact.label_alt_id_2 
_pdbx_validate_close_contact.dist 
1 1 OG1 C THR 7 ? ? O  C MVA 11  ? ? 1.90 
2 1 CA  D DSN 5 ? ? C  D QUI 101 ? ? 2.09 
3 1 OG1 C THR 1 ? ? CA C MVA 5   ? ? 2.16 
4 1 OG1 C THR 1 ? ? O  C MVA 5   ? ? 2.19 
5 1 OG  D DSN 1 ? ? O  D MVA 8   ? ? 2.19 
# 
_pdbx_validate_rmsd_angle.id                         1 
_pdbx_validate_rmsd_angle.PDB_model_num              1 
_pdbx_validate_rmsd_angle.auth_atom_id_1             "O4'" 
_pdbx_validate_rmsd_angle.auth_asym_id_1             A 
_pdbx_validate_rmsd_angle.auth_comp_id_1             DG 
_pdbx_validate_rmsd_angle.auth_seq_id_1              6 
_pdbx_validate_rmsd_angle.PDB_ins_code_1             ? 
_pdbx_validate_rmsd_angle.label_alt_id_1             ? 
_pdbx_validate_rmsd_angle.auth_atom_id_2             "C1'" 
_pdbx_validate_rmsd_angle.auth_asym_id_2             A 
_pdbx_validate_rmsd_angle.auth_comp_id_2             DG 
_pdbx_validate_rmsd_angle.auth_seq_id_2              6 
_pdbx_validate_rmsd_angle.PDB_ins_code_2             ? 
_pdbx_validate_rmsd_angle.label_alt_id_2             ? 
_pdbx_validate_rmsd_angle.auth_atom_id_3             N9 
_pdbx_validate_rmsd_angle.auth_asym_id_3             A 
_pdbx_validate_rmsd_angle.auth_comp_id_3             DG 
_pdbx_validate_rmsd_angle.auth_seq_id_3              6 
_pdbx_validate_rmsd_angle.PDB_ins_code_3             ? 
_pdbx_validate_rmsd_angle.label_alt_id_3             ? 
_pdbx_validate_rmsd_angle.angle_value                110.42 
_pdbx_validate_rmsd_angle.angle_target_value         108.30 
_pdbx_validate_rmsd_angle.angle_deviation            2.12 
_pdbx_validate_rmsd_angle.angle_standard_deviation   0.30 
_pdbx_validate_rmsd_angle.linker_flag                N 
# 
loop_
_pdbx_molecule_features.prd_id 
_pdbx_molecule_features.name 
_pdbx_molecule_features.type 
_pdbx_molecule_features.class 
_pdbx_molecule_features.details 
PRD_000001 'Actinomycin D' Polypeptide           Antibiotic 
;ACTINOMYCIN D CONSISTS OF TWO PENTAMER
RINGS LINKED BY THE CHROMOPHORE (PXZ)
;
PRD_000491 Echinomycin     'Cyclic depsipeptide' Antibiotic 
;ECHINOMYCIN IS A BICYCLIC OCTADEPSIPEPTIDE.
BICYCLIZATION IS ACHIEVED BY LINKING THE N- AND
THE C- TERMINI, AND A THIOACETAL BOND BETWEEN
RESIDUES 3 AND 7.
THE TWO QUINOXALINE CHROMOPHORES ARE LINKED
TO THE D-SERINE RESIDUES, RESIDUES 1 AND 5.
;
# 
loop_
_pdbx_molecule.instance_id 
_pdbx_molecule.prd_id 
_pdbx_molecule.asym_id 
1 PRD_000491 D 
1 PRD_000491 I 
1 PRD_000491 J 
2 PRD_000001 C 
# 
_pdbx_struct_special_symmetry.id              1 
_pdbx_struct_special_symmetry.PDB_model_num   1 
_pdbx_struct_special_symmetry.auth_asym_id    B 
_pdbx_struct_special_symmetry.auth_comp_id    ZN 
_pdbx_struct_special_symmetry.auth_seq_id     101 
_pdbx_struct_special_symmetry.PDB_ins_code    ? 
_pdbx_struct_special_symmetry.label_asym_id   H 
_pdbx_struct_special_symmetry.label_comp_id   ZN 
_pdbx_struct_special_symmetry.label_seq_id    . 
# 
_pdbx_entry_details.entry_id                 7DQ0 
_pdbx_entry_details.nonpolymer_details       ? 
_pdbx_entry_details.sequence_details         ? 
_pdbx_entry_details.compound_details         
;ACTINOMYCIN D IS A BICYCLIC PEPTIDE, A MEMBER OF THE
ACTINOMYCIN FAMILY.
HERE, ACTINOMYCIN D IS REPRESENTED BY THE SEQUENCE (SEQRES)
THE ECHINOMYCIN IS A BICYCLIC OCTADEPSIPEPTIDE, A MEMBER
OF THE QUINOXALINE CLASS OF ANTIBIOTICS.
HERE, ECHINOMYCIN IS REPRESENTED BY GROUPING TOGETHER THE
SEQUENCE (SEQRES) AND TWO LIGANDS (HET) QUI.
;
_pdbx_entry_details.source_details           ? 
_pdbx_entry_details.has_ligand_of_interest   N 
# 
loop_
_chem_comp_atom.comp_id 
_chem_comp_atom.atom_id 
_chem_comp_atom.type_symbol 
_chem_comp_atom.pdbx_aromatic_flag 
_chem_comp_atom.pdbx_stereo_config 
_chem_comp_atom.pdbx_ordinal 
ALA N      N  N N 1   
ALA CA     C  N S 2   
ALA C      C  N N 3   
ALA O      O  N N 4   
ALA CB     C  N N 5   
ALA OXT    O  N N 6   
ALA H      H  N N 7   
ALA H2     H  N N 8   
ALA HA     H  N N 9   
ALA HB1    H  N N 10  
ALA HB2    H  N N 11  
ALA HB3    H  N N 12  
ALA HXT    H  N N 13  
CL  CL     CL N N 14  
DA  OP3    O  N N 15  
DA  P      P  N N 16  
DA  OP1    O  N N 17  
DA  OP2    O  N N 18  
DA  "O5'"  O  N N 19  
DA  "C5'"  C  N N 20  
DA  "C4'"  C  N R 21  
DA  "O4'"  O  N N 22  
DA  "C3'"  C  N S 23  
DA  "O3'"  O  N N 24  
DA  "C2'"  C  N N 25  
DA  "C1'"  C  N R 26  
DA  N9     N  Y N 27  
DA  C8     C  Y N 28  
DA  N7     N  Y N 29  
DA  C5     C  Y N 30  
DA  C6     C  Y N 31  
DA  N6     N  N N 32  
DA  N1     N  Y N 33  
DA  C2     C  Y N 34  
DA  N3     N  Y N 35  
DA  C4     C  Y N 36  
DA  HOP3   H  N N 37  
DA  HOP2   H  N N 38  
DA  "H5'"  H  N N 39  
DA  "H5''" H  N N 40  
DA  "H4'"  H  N N 41  
DA  "H3'"  H  N N 42  
DA  "HO3'" H  N N 43  
DA  "H2'"  H  N N 44  
DA  "H2''" H  N N 45  
DA  "H1'"  H  N N 46  
DA  H8     H  N N 47  
DA  H61    H  N N 48  
DA  H62    H  N N 49  
DA  H2     H  N N 50  
DC  OP3    O  N N 51  
DC  P      P  N N 52  
DC  OP1    O  N N 53  
DC  OP2    O  N N 54  
DC  "O5'"  O  N N 55  
DC  "C5'"  C  N N 56  
DC  "C4'"  C  N R 57  
DC  "O4'"  O  N N 58  
DC  "C3'"  C  N S 59  
DC  "O3'"  O  N N 60  
DC  "C2'"  C  N N 61  
DC  "C1'"  C  N R 62  
DC  N1     N  N N 63  
DC  C2     C  N N 64  
DC  O2     O  N N 65  
DC  N3     N  N N 66  
DC  C4     C  N N 67  
DC  N4     N  N N 68  
DC  C5     C  N N 69  
DC  C6     C  N N 70  
DC  HOP3   H  N N 71  
DC  HOP2   H  N N 72  
DC  "H5'"  H  N N 73  
DC  "H5''" H  N N 74  
DC  "H4'"  H  N N 75  
DC  "H3'"  H  N N 76  
DC  "HO3'" H  N N 77  
DC  "H2'"  H  N N 78  
DC  "H2''" H  N N 79  
DC  "H1'"  H  N N 80  
DC  H41    H  N N 81  
DC  H42    H  N N 82  
DC  H5     H  N N 83  
DC  H6     H  N N 84  
DG  OP3    O  N N 85  
DG  P      P  N N 86  
DG  OP1    O  N N 87  
DG  OP2    O  N N 88  
DG  "O5'"  O  N N 89  
DG  "C5'"  C  N N 90  
DG  "C4'"  C  N R 91  
DG  "O4'"  O  N N 92  
DG  "C3'"  C  N S 93  
DG  "O3'"  O  N N 94  
DG  "C2'"  C  N N 95  
DG  "C1'"  C  N R 96  
DG  N9     N  Y N 97  
DG  C8     C  Y N 98  
DG  N7     N  Y N 99  
DG  C5     C  Y N 100 
DG  C6     C  N N 101 
DG  O6     O  N N 102 
DG  N1     N  N N 103 
DG  C2     C  N N 104 
DG  N2     N  N N 105 
DG  N3     N  N N 106 
DG  C4     C  Y N 107 
DG  HOP3   H  N N 108 
DG  HOP2   H  N N 109 
DG  "H5'"  H  N N 110 
DG  "H5''" H  N N 111 
DG  "H4'"  H  N N 112 
DG  "H3'"  H  N N 113 
DG  "HO3'" H  N N 114 
DG  "H2'"  H  N N 115 
DG  "H2''" H  N N 116 
DG  "H1'"  H  N N 117 
DG  H8     H  N N 118 
DG  H1     H  N N 119 
DG  H21    H  N N 120 
DG  H22    H  N N 121 
DSN N      N  N N 122 
DSN CA     C  N R 123 
DSN C      C  N N 124 
DSN O      O  N N 125 
DSN OXT    O  N N 126 
DSN CB     C  N N 127 
DSN OG     O  N N 128 
DSN H      H  N N 129 
DSN H2     H  N N 130 
DSN HA     H  N N 131 
DSN HXT    H  N N 132 
DSN HB2    H  N N 133 
DSN HB3    H  N N 134 
DSN HG     H  N N 135 
DT  OP3    O  N N 136 
DT  P      P  N N 137 
DT  OP1    O  N N 138 
DT  OP2    O  N N 139 
DT  "O5'"  O  N N 140 
DT  "C5'"  C  N N 141 
DT  "C4'"  C  N R 142 
DT  "O4'"  O  N N 143 
DT  "C3'"  C  N S 144 
DT  "O3'"  O  N N 145 
DT  "C2'"  C  N N 146 
DT  "C1'"  C  N R 147 
DT  N1     N  N N 148 
DT  C2     C  N N 149 
DT  O2     O  N N 150 
DT  N3     N  N N 151 
DT  C4     C  N N 152 
DT  O4     O  N N 153 
DT  C5     C  N N 154 
DT  C7     C  N N 155 
DT  C6     C  N N 156 
DT  HOP3   H  N N 157 
DT  HOP2   H  N N 158 
DT  "H5'"  H  N N 159 
DT  "H5''" H  N N 160 
DT  "H4'"  H  N N 161 
DT  "H3'"  H  N N 162 
DT  "HO3'" H  N N 163 
DT  "H2'"  H  N N 164 
DT  "H2''" H  N N 165 
DT  "H1'"  H  N N 166 
DT  H3     H  N N 167 
DT  H71    H  N N 168 
DT  H72    H  N N 169 
DT  H73    H  N N 170 
DT  H6     H  N N 171 
DVA N      N  N N 172 
DVA CA     C  N R 173 
DVA CB     C  N N 174 
DVA CG1    C  N N 175 
DVA CG2    C  N N 176 
DVA C      C  N N 177 
DVA O      O  N N 178 
DVA OXT    O  N N 179 
DVA H      H  N N 180 
DVA H2     H  N N 181 
DVA HA     H  N N 182 
DVA HB     H  N N 183 
DVA HG11   H  N N 184 
DVA HG12   H  N N 185 
DVA HG13   H  N N 186 
DVA HG21   H  N N 187 
DVA HG22   H  N N 188 
DVA HG23   H  N N 189 
DVA HXT    H  N N 190 
HOH O      O  N N 191 
HOH H1     H  N N 192 
HOH H2     H  N N 193 
MVA N      N  N N 194 
MVA CN     C  N N 195 
MVA CA     C  N S 196 
MVA CB     C  N N 197 
MVA CG1    C  N N 198 
MVA CG2    C  N N 199 
MVA C      C  N N 200 
MVA O      O  N N 201 
MVA OXT    O  N N 202 
MVA H      H  N N 203 
MVA HN1    H  N N 204 
MVA HN2    H  N N 205 
MVA HN3    H  N N 206 
MVA HA     H  N N 207 
MVA HB     H  N N 208 
MVA HG11   H  N N 209 
MVA HG12   H  N N 210 
MVA HG13   H  N N 211 
MVA HG21   H  N N 212 
MVA HG22   H  N N 213 
MVA HG23   H  N N 214 
MVA HXT    H  N N 215 
N2C N      N  N N 216 
N2C CA     C  N R 217 
N2C CB     C  N N 218 
N2C SG     S  N N 219 
N2C CD     C  N N 220 
N2C CN     C  N N 221 
N2C C      C  N N 222 
N2C O      O  N N 223 
N2C OXT    O  N N 224 
N2C H      H  N N 225 
N2C HA     H  N N 226 
N2C HB2    H  N N 227 
N2C HB3    H  N N 228 
N2C HD1    H  N N 229 
N2C HD2    H  N N 230 
N2C HD3    H  N N 231 
N2C HN1    H  N N 232 
N2C HN2    H  N N 233 
N2C HN3    H  N N 234 
N2C HXT    H  N N 235 
NCY N      N  N N 236 
NCY CA     C  N R 237 
NCY CB     C  N N 238 
NCY SG     S  N N 239 
NCY CN     C  N N 240 
NCY C      C  N N 241 
NCY O      O  N N 242 
NCY OXT    O  N N 243 
NCY H      H  N N 244 
NCY HA     H  N N 245 
NCY HB2    H  N N 246 
NCY HB3    H  N N 247 
NCY HG     H  N N 248 
NCY HCN1   H  N N 249 
NCY HCN2   H  N N 250 
NCY HCN3   H  N N 251 
NCY HXT    H  N N 252 
PRO N      N  N N 253 
PRO CA     C  N S 254 
PRO C      C  N N 255 
PRO O      O  N N 256 
PRO CB     C  N N 257 
PRO CG     C  N N 258 
PRO CD     C  N N 259 
PRO OXT    O  N N 260 
PRO H      H  N N 261 
PRO HA     H  N N 262 
PRO HB2    H  N N 263 
PRO HB3    H  N N 264 
PRO HG2    H  N N 265 
PRO HG3    H  N N 266 
PRO HD2    H  N N 267 
PRO HD3    H  N N 268 
PRO HXT    H  N N 269 
PXZ C1     C  N N 270 
PXZ C0     C  N N 271 
PXZ O1     O  N N 272 
PXZ C2     C  N N 273 
PXZ N2     N  N N 274 
PXZ C3     C  N N 275 
PXZ O3     O  N N 276 
PXZ C4     C  N N 277 
PXZ O5     O  N N 278 
PXZ C6     C  Y N 279 
PXZ C7     C  Y N 280 
PXZ C8     C  Y N 281 
PXZ C9     C  Y N 282 
PXZ "C0'"  C  N N 283 
PXZ "O1'"  O  N N 284 
PXZ N10    N  N N 285 
PXZ C11    C  N N 286 
PXZ C12    C  N N 287 
PXZ C13    C  Y N 288 
PXZ C14    C  Y N 289 
PXZ C15    C  N N 290 
PXZ C16    C  N N 291 
PXZ HN21   H  N N 292 
PXZ HN22   H  N N 293 
PXZ H7     H  N N 294 
PXZ H8     H  N N 295 
PXZ H151   H  N N 296 
PXZ H152   H  N N 297 
PXZ H153   H  N N 298 
PXZ H161   H  N N 299 
PXZ H162   H  N N 300 
PXZ H163   H  N N 301 
PXZ "OXT'" O  N N 302 
PXZ OXT    O  N N 303 
PXZ "HXT'" H  N N 304 
PXZ HXT    H  N N 305 
QUI N1     N  Y N 306 
QUI C2     C  Y N 307 
QUI C3     C  Y N 308 
QUI N4     N  Y N 309 
QUI C5     C  Y N 310 
QUI C6     C  Y N 311 
QUI C7     C  Y N 312 
QUI C8     C  Y N 313 
QUI C9     C  Y N 314 
QUI C10    C  Y N 315 
QUI C      C  N N 316 
QUI O1     O  N N 317 
QUI O2     O  N N 318 
QUI H3     H  N N 319 
QUI H5     H  N N 320 
QUI H6     H  N N 321 
QUI H7     H  N N 322 
QUI H8     H  N N 323 
QUI HO2    H  N N 324 
SAR N      N  N N 325 
SAR CA     C  N N 326 
SAR C      C  N N 327 
SAR O      O  N N 328 
SAR CN     C  N N 329 
SAR OXT    O  N N 330 
SAR H      H  N N 331 
SAR HA2    H  N N 332 
SAR HA3    H  N N 333 
SAR HN1    H  N N 334 
SAR HN2    H  N N 335 
SAR HN3    H  N N 336 
SAR HXT    H  N N 337 
THR N      N  N N 338 
THR CA     C  N S 339 
THR C      C  N N 340 
THR O      O  N N 341 
THR CB     C  N R 342 
THR OG1    O  N N 343 
THR CG2    C  N N 344 
THR OXT    O  N N 345 
THR H      H  N N 346 
THR H2     H  N N 347 
THR HA     H  N N 348 
THR HB     H  N N 349 
THR HG1    H  N N 350 
THR HG21   H  N N 351 
THR HG22   H  N N 352 
THR HG23   H  N N 353 
THR HXT    H  N N 354 
ZN  ZN     ZN N N 355 
# 
loop_
_chem_comp_bond.comp_id 
_chem_comp_bond.atom_id_1 
_chem_comp_bond.atom_id_2 
_chem_comp_bond.value_order 
_chem_comp_bond.pdbx_aromatic_flag 
_chem_comp_bond.pdbx_stereo_config 
_chem_comp_bond.pdbx_ordinal 
ALA N      CA     sing N N 1   
ALA N      H      sing N N 2   
ALA N      H2     sing N N 3   
ALA CA     C      sing N N 4   
ALA CA     CB     sing N N 5   
ALA CA     HA     sing N N 6   
ALA C      O      doub N N 7   
ALA C      OXT    sing N N 8   
ALA CB     HB1    sing N N 9   
ALA CB     HB2    sing N N 10  
ALA CB     HB3    sing N N 11  
ALA OXT    HXT    sing N N 12  
DA  OP3    P      sing N N 13  
DA  OP3    HOP3   sing N N 14  
DA  P      OP1    doub N N 15  
DA  P      OP2    sing N N 16  
DA  P      "O5'"  sing N N 17  
DA  OP2    HOP2   sing N N 18  
DA  "O5'"  "C5'"  sing N N 19  
DA  "C5'"  "C4'"  sing N N 20  
DA  "C5'"  "H5'"  sing N N 21  
DA  "C5'"  "H5''" sing N N 22  
DA  "C4'"  "O4'"  sing N N 23  
DA  "C4'"  "C3'"  sing N N 24  
DA  "C4'"  "H4'"  sing N N 25  
DA  "O4'"  "C1'"  sing N N 26  
DA  "C3'"  "O3'"  sing N N 27  
DA  "C3'"  "C2'"  sing N N 28  
DA  "C3'"  "H3'"  sing N N 29  
DA  "O3'"  "HO3'" sing N N 30  
DA  "C2'"  "C1'"  sing N N 31  
DA  "C2'"  "H2'"  sing N N 32  
DA  "C2'"  "H2''" sing N N 33  
DA  "C1'"  N9     sing N N 34  
DA  "C1'"  "H1'"  sing N N 35  
DA  N9     C8     sing Y N 36  
DA  N9     C4     sing Y N 37  
DA  C8     N7     doub Y N 38  
DA  C8     H8     sing N N 39  
DA  N7     C5     sing Y N 40  
DA  C5     C6     sing Y N 41  
DA  C5     C4     doub Y N 42  
DA  C6     N6     sing N N 43  
DA  C6     N1     doub Y N 44  
DA  N6     H61    sing N N 45  
DA  N6     H62    sing N N 46  
DA  N1     C2     sing Y N 47  
DA  C2     N3     doub Y N 48  
DA  C2     H2     sing N N 49  
DA  N3     C4     sing Y N 50  
DC  OP3    P      sing N N 51  
DC  OP3    HOP3   sing N N 52  
DC  P      OP1    doub N N 53  
DC  P      OP2    sing N N 54  
DC  P      "O5'"  sing N N 55  
DC  OP2    HOP2   sing N N 56  
DC  "O5'"  "C5'"  sing N N 57  
DC  "C5'"  "C4'"  sing N N 58  
DC  "C5'"  "H5'"  sing N N 59  
DC  "C5'"  "H5''" sing N N 60  
DC  "C4'"  "O4'"  sing N N 61  
DC  "C4'"  "C3'"  sing N N 62  
DC  "C4'"  "H4'"  sing N N 63  
DC  "O4'"  "C1'"  sing N N 64  
DC  "C3'"  "O3'"  sing N N 65  
DC  "C3'"  "C2'"  sing N N 66  
DC  "C3'"  "H3'"  sing N N 67  
DC  "O3'"  "HO3'" sing N N 68  
DC  "C2'"  "C1'"  sing N N 69  
DC  "C2'"  "H2'"  sing N N 70  
DC  "C2'"  "H2''" sing N N 71  
DC  "C1'"  N1     sing N N 72  
DC  "C1'"  "H1'"  sing N N 73  
DC  N1     C2     sing N N 74  
DC  N1     C6     sing N N 75  
DC  C2     O2     doub N N 76  
DC  C2     N3     sing N N 77  
DC  N3     C4     doub N N 78  
DC  C4     N4     sing N N 79  
DC  C4     C5     sing N N 80  
DC  N4     H41    sing N N 81  
DC  N4     H42    sing N N 82  
DC  C5     C6     doub N N 83  
DC  C5     H5     sing N N 84  
DC  C6     H6     sing N N 85  
DG  OP3    P      sing N N 86  
DG  OP3    HOP3   sing N N 87  
DG  P      OP1    doub N N 88  
DG  P      OP2    sing N N 89  
DG  P      "O5'"  sing N N 90  
DG  OP2    HOP2   sing N N 91  
DG  "O5'"  "C5'"  sing N N 92  
DG  "C5'"  "C4'"  sing N N 93  
DG  "C5'"  "H5'"  sing N N 94  
DG  "C5'"  "H5''" sing N N 95  
DG  "C4'"  "O4'"  sing N N 96  
DG  "C4'"  "C3'"  sing N N 97  
DG  "C4'"  "H4'"  sing N N 98  
DG  "O4'"  "C1'"  sing N N 99  
DG  "C3'"  "O3'"  sing N N 100 
DG  "C3'"  "C2'"  sing N N 101 
DG  "C3'"  "H3'"  sing N N 102 
DG  "O3'"  "HO3'" sing N N 103 
DG  "C2'"  "C1'"  sing N N 104 
DG  "C2'"  "H2'"  sing N N 105 
DG  "C2'"  "H2''" sing N N 106 
DG  "C1'"  N9     sing N N 107 
DG  "C1'"  "H1'"  sing N N 108 
DG  N9     C8     sing Y N 109 
DG  N9     C4     sing Y N 110 
DG  C8     N7     doub Y N 111 
DG  C8     H8     sing N N 112 
DG  N7     C5     sing Y N 113 
DG  C5     C6     sing N N 114 
DG  C5     C4     doub Y N 115 
DG  C6     O6     doub N N 116 
DG  C6     N1     sing N N 117 
DG  N1     C2     sing N N 118 
DG  N1     H1     sing N N 119 
DG  C2     N2     sing N N 120 
DG  C2     N3     doub N N 121 
DG  N2     H21    sing N N 122 
DG  N2     H22    sing N N 123 
DG  N3     C4     sing N N 124 
DSN N      CA     sing N N 125 
DSN N      H      sing N N 126 
DSN N      H2     sing N N 127 
DSN CA     C      sing N N 128 
DSN CA     CB     sing N N 129 
DSN CA     HA     sing N N 130 
DSN C      O      doub N N 131 
DSN C      OXT    sing N N 132 
DSN OXT    HXT    sing N N 133 
DSN CB     OG     sing N N 134 
DSN CB     HB2    sing N N 135 
DSN CB     HB3    sing N N 136 
DSN OG     HG     sing N N 137 
DT  OP3    P      sing N N 138 
DT  OP3    HOP3   sing N N 139 
DT  P      OP1    doub N N 140 
DT  P      OP2    sing N N 141 
DT  P      "O5'"  sing N N 142 
DT  OP2    HOP2   sing N N 143 
DT  "O5'"  "C5'"  sing N N 144 
DT  "C5'"  "C4'"  sing N N 145 
DT  "C5'"  "H5'"  sing N N 146 
DT  "C5'"  "H5''" sing N N 147 
DT  "C4'"  "O4'"  sing N N 148 
DT  "C4'"  "C3'"  sing N N 149 
DT  "C4'"  "H4'"  sing N N 150 
DT  "O4'"  "C1'"  sing N N 151 
DT  "C3'"  "O3'"  sing N N 152 
DT  "C3'"  "C2'"  sing N N 153 
DT  "C3'"  "H3'"  sing N N 154 
DT  "O3'"  "HO3'" sing N N 155 
DT  "C2'"  "C1'"  sing N N 156 
DT  "C2'"  "H2'"  sing N N 157 
DT  "C2'"  "H2''" sing N N 158 
DT  "C1'"  N1     sing N N 159 
DT  "C1'"  "H1'"  sing N N 160 
DT  N1     C2     sing N N 161 
DT  N1     C6     sing N N 162 
DT  C2     O2     doub N N 163 
DT  C2     N3     sing N N 164 
DT  N3     C4     sing N N 165 
DT  N3     H3     sing N N 166 
DT  C4     O4     doub N N 167 
DT  C4     C5     sing N N 168 
DT  C5     C7     sing N N 169 
DT  C5     C6     doub N N 170 
DT  C7     H71    sing N N 171 
DT  C7     H72    sing N N 172 
DT  C7     H73    sing N N 173 
DT  C6     H6     sing N N 174 
DVA N      CA     sing N N 175 
DVA N      H      sing N N 176 
DVA N      H2     sing N N 177 
DVA CA     CB     sing N N 178 
DVA CA     C      sing N N 179 
DVA CA     HA     sing N N 180 
DVA CB     CG1    sing N N 181 
DVA CB     CG2    sing N N 182 
DVA CB     HB     sing N N 183 
DVA CG1    HG11   sing N N 184 
DVA CG1    HG12   sing N N 185 
DVA CG1    HG13   sing N N 186 
DVA CG2    HG21   sing N N 187 
DVA CG2    HG22   sing N N 188 
DVA CG2    HG23   sing N N 189 
DVA C      O      doub N N 190 
DVA C      OXT    sing N N 191 
DVA OXT    HXT    sing N N 192 
HOH O      H1     sing N N 193 
HOH O      H2     sing N N 194 
MVA N      CN     sing N N 195 
MVA N      CA     sing N N 196 
MVA N      H      sing N N 197 
MVA CN     HN1    sing N N 198 
MVA CN     HN2    sing N N 199 
MVA CN     HN3    sing N N 200 
MVA CA     CB     sing N N 201 
MVA CA     C      sing N N 202 
MVA CA     HA     sing N N 203 
MVA CB     CG1    sing N N 204 
MVA CB     CG2    sing N N 205 
MVA CB     HB     sing N N 206 
MVA CG1    HG11   sing N N 207 
MVA CG1    HG12   sing N N 208 
MVA CG1    HG13   sing N N 209 
MVA CG2    HG21   sing N N 210 
MVA CG2    HG22   sing N N 211 
MVA CG2    HG23   sing N N 212 
MVA C      O      doub N N 213 
MVA C      OXT    sing N N 214 
MVA OXT    HXT    sing N N 215 
N2C N      CA     sing N N 216 
N2C N      CN     sing N N 217 
N2C N      H      sing N N 218 
N2C CA     CB     sing N N 219 
N2C CA     C      sing N N 220 
N2C CA     HA     sing N N 221 
N2C CB     SG     sing N N 222 
N2C CB     HB2    sing N N 223 
N2C CB     HB3    sing N N 224 
N2C SG     CD     sing N N 225 
N2C CD     HD1    sing N N 226 
N2C CD     HD2    sing N N 227 
N2C CD     HD3    sing N N 228 
N2C CN     HN1    sing N N 229 
N2C CN     HN2    sing N N 230 
N2C CN     HN3    sing N N 231 
N2C C      O      doub N N 232 
N2C C      OXT    sing N N 233 
N2C OXT    HXT    sing N N 234 
NCY N      CA     sing N N 235 
NCY N      CN     sing N N 236 
NCY N      H      sing N N 237 
NCY CA     CB     sing N N 238 
NCY CA     C      sing N N 239 
NCY CA     HA     sing N N 240 
NCY CB     SG     sing N N 241 
NCY CB     HB2    sing N N 242 
NCY CB     HB3    sing N N 243 
NCY SG     HG     sing N N 244 
NCY CN     HCN1   sing N N 245 
NCY CN     HCN2   sing N N 246 
NCY CN     HCN3   sing N N 247 
NCY C      O      doub N N 248 
NCY C      OXT    sing N N 249 
NCY OXT    HXT    sing N N 250 
PRO N      CA     sing N N 251 
PRO N      CD     sing N N 252 
PRO N      H      sing N N 253 
PRO CA     C      sing N N 254 
PRO CA     CB     sing N N 255 
PRO CA     HA     sing N N 256 
PRO C      O      doub N N 257 
PRO C      OXT    sing N N 258 
PRO CB     CG     sing N N 259 
PRO CB     HB2    sing N N 260 
PRO CB     HB3    sing N N 261 
PRO CG     CD     sing N N 262 
PRO CG     HG2    sing N N 263 
PRO CG     HG3    sing N N 264 
PRO CD     HD2    sing N N 265 
PRO CD     HD3    sing N N 266 
PRO OXT    HXT    sing N N 267 
PXZ C1     C0     sing N N 268 
PXZ C1     C2     doub N N 269 
PXZ C1     C11    sing N N 270 
PXZ C0     O1     doub N N 271 
PXZ C2     N2     sing N N 272 
PXZ C2     C3     sing N N 273 
PXZ N2     HN21   sing N N 274 
PXZ N2     HN22   sing N N 275 
PXZ C3     O3     doub N N 276 
PXZ C3     C4     sing N N 277 
PXZ C4     C12    doub N N 278 
PXZ C4     C15    sing N N 279 
PXZ O5     C12    sing N N 280 
PXZ O5     C13    sing N N 281 
PXZ C6     C7     doub Y N 282 
PXZ C6     C13    sing Y N 283 
PXZ C6     C16    sing N N 284 
PXZ C7     C8     sing Y N 285 
PXZ C7     H7     sing N N 286 
PXZ C8     C9     doub Y N 287 
PXZ C8     H8     sing N N 288 
PXZ C9     "C0'"  sing N N 289 
PXZ C9     C14    sing Y N 290 
PXZ "C0'"  "O1'"  doub N N 291 
PXZ N10    C11    doub N N 292 
PXZ N10    C14    sing N N 293 
PXZ C11    C12    sing N N 294 
PXZ C13    C14    doub Y N 295 
PXZ C15    H151   sing N N 296 
PXZ C15    H152   sing N N 297 
PXZ C15    H153   sing N N 298 
PXZ C16    H161   sing N N 299 
PXZ C16    H162   sing N N 300 
PXZ C16    H163   sing N N 301 
PXZ "C0'"  "OXT'" sing N N 302 
PXZ C0     OXT    sing N N 303 
PXZ "OXT'" "HXT'" sing N N 304 
PXZ OXT    HXT    sing N N 305 
QUI N1     C2     doub Y N 306 
QUI N1     C9     sing Y N 307 
QUI C2     C3     sing Y N 308 
QUI C2     C      sing N N 309 
QUI C3     N4     doub Y N 310 
QUI C3     H3     sing N N 311 
QUI N4     C10    sing Y N 312 
QUI C5     C6     doub Y N 313 
QUI C5     C10    sing Y N 314 
QUI C5     H5     sing N N 315 
QUI C6     C7     sing Y N 316 
QUI C6     H6     sing N N 317 
QUI C7     C8     doub Y N 318 
QUI C7     H7     sing N N 319 
QUI C8     C9     sing Y N 320 
QUI C8     H8     sing N N 321 
QUI C9     C10    doub Y N 322 
QUI C      O1     doub N N 323 
QUI C      O2     sing N N 324 
QUI O2     HO2    sing N N 325 
SAR N      CA     sing N N 326 
SAR N      CN     sing N N 327 
SAR N      H      sing N N 328 
SAR CA     C      sing N N 329 
SAR CA     HA2    sing N N 330 
SAR CA     HA3    sing N N 331 
SAR C      O      doub N N 332 
SAR C      OXT    sing N N 333 
SAR CN     HN1    sing N N 334 
SAR CN     HN2    sing N N 335 
SAR CN     HN3    sing N N 336 
SAR OXT    HXT    sing N N 337 
THR N      CA     sing N N 338 
THR N      H      sing N N 339 
THR N      H2     sing N N 340 
THR CA     C      sing N N 341 
THR CA     CB     sing N N 342 
THR CA     HA     sing N N 343 
THR C      O      doub N N 344 
THR C      OXT    sing N N 345 
THR CB     OG1    sing N N 346 
THR CB     CG2    sing N N 347 
THR CB     HB     sing N N 348 
THR OG1    HG1    sing N N 349 
THR CG2    HG21   sing N N 350 
THR CG2    HG22   sing N N 351 
THR CG2    HG23   sing N N 352 
THR OXT    HXT    sing N N 353 
# 
_ndb_struct_conf_na.entry_id   7DQ0 
_ndb_struct_conf_na.feature    'double helix' 
# 
loop_
_ndb_struct_na_base_pair.model_number 
_ndb_struct_na_base_pair.i_label_asym_id 
_ndb_struct_na_base_pair.i_label_comp_id 
_ndb_struct_na_base_pair.i_label_seq_id 
_ndb_struct_na_base_pair.i_symmetry 
_ndb_struct_na_base_pair.j_label_asym_id 
_ndb_struct_na_base_pair.j_label_comp_id 
_ndb_struct_na_base_pair.j_label_seq_id 
_ndb_struct_na_base_pair.j_symmetry 
_ndb_struct_na_base_pair.shear 
_ndb_struct_na_base_pair.stretch 
_ndb_struct_na_base_pair.stagger 
_ndb_struct_na_base_pair.buckle 
_ndb_struct_na_base_pair.propeller 
_ndb_struct_na_base_pair.opening 
_ndb_struct_na_base_pair.pair_number 
_ndb_struct_na_base_pair.pair_name 
_ndb_struct_na_base_pair.i_auth_asym_id 
_ndb_struct_na_base_pair.i_auth_seq_id 
_ndb_struct_na_base_pair.i_PDB_ins_code 
_ndb_struct_na_base_pair.j_auth_asym_id 
_ndb_struct_na_base_pair.j_auth_seq_id 
_ndb_struct_na_base_pair.j_PDB_ins_code 
_ndb_struct_na_base_pair.hbond_type_28 
_ndb_struct_na_base_pair.hbond_type_12 
1 A DA 1 1_555 B DT 7 1_555 0.041  -0.044 -0.201 -12.002 -3.750  5.845  1 A_DA1:DT7_B A 1 ? B 7 ? 20 1 
1 A DG 2 1_555 B DC 6 1_555 -0.358 -0.021 0.377  5.036   5.136   3.176  2 A_DG2:DC6_B A 2 ? B 6 ? 19 1 
1 A DC 3 1_555 B DG 5 1_555 0.219  -0.119 0.835  -15.030 5.598   2.880  3 A_DC3:DG5_B A 3 ? B 5 ? 19 1 
1 A DT 4 1_555 B DT 4 1_555 -2.266 -1.871 0.369  11.029  -0.984  8.691  4 A_DT4:DT4_B A 4 ? B 4 ? 16 1 
1 A DC 5 1_555 B DG 3 1_555 0.282  -0.021 0.581  -26.165 -11.780 -1.180 5 A_DC5:DG3_B A 5 ? B 3 ? 19 1 
1 A DG 6 1_555 B DC 2 1_555 -0.282 -0.209 0.547  17.793  -1.640  -0.816 6 A_DG6:DC2_B A 6 ? B 2 ? 19 1 
1 A DT 7 1_555 B DA 1 1_555 -0.132 -0.140 0.393  -15.525 4.568   4.562  7 A_DT7:DA1_B A 7 ? B 1 ? 20 1 
# 
loop_
_ndb_struct_na_base_pair_step.model_number 
_ndb_struct_na_base_pair_step.i_label_asym_id_1 
_ndb_struct_na_base_pair_step.i_label_comp_id_1 
_ndb_struct_na_base_pair_step.i_label_seq_id_1 
_ndb_struct_na_base_pair_step.i_symmetry_1 
_ndb_struct_na_base_pair_step.j_label_asym_id_1 
_ndb_struct_na_base_pair_step.j_label_comp_id_1 
_ndb_struct_na_base_pair_step.j_label_seq_id_1 
_ndb_struct_na_base_pair_step.j_symmetry_1 
_ndb_struct_na_base_pair_step.i_label_asym_id_2 
_ndb_struct_na_base_pair_step.i_label_comp_id_2 
_ndb_struct_na_base_pair_step.i_label_seq_id_2 
_ndb_struct_na_base_pair_step.i_symmetry_2 
_ndb_struct_na_base_pair_step.j_label_asym_id_2 
_ndb_struct_na_base_pair_step.j_label_comp_id_2 
_ndb_struct_na_base_pair_step.j_label_seq_id_2 
_ndb_struct_na_base_pair_step.j_symmetry_2 
_ndb_struct_na_base_pair_step.shift 
_ndb_struct_na_base_pair_step.slide 
_ndb_struct_na_base_pair_step.rise 
_ndb_struct_na_base_pair_step.tilt 
_ndb_struct_na_base_pair_step.roll 
_ndb_struct_na_base_pair_step.twist 
_ndb_struct_na_base_pair_step.x_displacement 
_ndb_struct_na_base_pair_step.y_displacement 
_ndb_struct_na_base_pair_step.helical_rise 
_ndb_struct_na_base_pair_step.inclination 
_ndb_struct_na_base_pair_step.tip 
_ndb_struct_na_base_pair_step.helical_twist 
_ndb_struct_na_base_pair_step.step_number 
_ndb_struct_na_base_pair_step.step_name 
_ndb_struct_na_base_pair_step.i_auth_asym_id_1 
_ndb_struct_na_base_pair_step.i_auth_seq_id_1 
_ndb_struct_na_base_pair_step.i_PDB_ins_code_1 
_ndb_struct_na_base_pair_step.j_auth_asym_id_1 
_ndb_struct_na_base_pair_step.j_auth_seq_id_1 
_ndb_struct_na_base_pair_step.j_PDB_ins_code_1 
_ndb_struct_na_base_pair_step.i_auth_asym_id_2 
_ndb_struct_na_base_pair_step.i_auth_seq_id_2 
_ndb_struct_na_base_pair_step.i_PDB_ins_code_2 
_ndb_struct_na_base_pair_step.j_auth_asym_id_2 
_ndb_struct_na_base_pair_step.j_auth_seq_id_2 
_ndb_struct_na_base_pair_step.j_PDB_ins_code_2 
1 A DA 1 1_555 B DT 7 1_555 A DG 2 1_555 B DC 6 1_555 -0.103 0.187 3.004 -2.405 6.957 25.215 -1.331  -0.376 2.946 15.519  5.365   
26.251 1 AA_DA1DG2:DC6DT7_BB A 1 ? B 7 ? A 2 ? B 6 ? 
1 A DC 3 1_555 B DG 5 1_555 A DT 4 1_555 B DT 4 1_555 -0.059 1.364 2.836 3.575  8.978 11.588 -2.231  3.183  2.978 37.107  -14.778 
15.078 2 AA_DC3DT4:DT4DG5_BB A 3 ? B 5 ? A 4 ? B 4 ? 
1 A DC 5 1_555 B DG 3 1_555 A DG 6 1_555 B DC 2 1_555 0.915  1.201 2.499 -0.664 4.185 -3.320 -29.268 7.130  0.721 -51.296 -8.140  
-5.382 3 AA_DC5DG6:DC2DG3_BB A 5 ? B 3 ? A 6 ? B 2 ? 
# 
loop_
_pdbx_initial_refinement_model.id 
_pdbx_initial_refinement_model.entity_id_list 
_pdbx_initial_refinement_model.type 
_pdbx_initial_refinement_model.source_name 
_pdbx_initial_refinement_model.accession_code 
_pdbx_initial_refinement_model.details 
1 ? 'experimental model' PDB 5YTZ '5YTZ, 1MNV' 
2 ? 'experimental model' PDB 1MNV '5YTZ, 1MNV' 
# 
_atom_sites.entry_id                    7DQ0 
_atom_sites.Cartn_transf_matrix[1][1]   ? 
_atom_sites.Cartn_transf_matrix[1][2]   ? 
_atom_sites.Cartn_transf_matrix[1][3]   ? 
_atom_sites.Cartn_transf_matrix[2][1]   ? 
_atom_sites.Cartn_transf_matrix[2][2]   ? 
_atom_sites.Cartn_transf_matrix[2][3]   ? 
_atom_sites.Cartn_transf_matrix[3][1]   ? 
_atom_sites.Cartn_transf_matrix[3][2]   ? 
_atom_sites.Cartn_transf_matrix[3][3]   ? 
_atom_sites.Cartn_transf_vector[1]      ? 
_atom_sites.Cartn_transf_vector[2]      ? 
_atom_sites.Cartn_transf_vector[3]      ? 
_atom_sites.fract_transf_matrix[1][1]   -0.00876318 
_atom_sites.fract_transf_matrix[1][2]   0.02252525 
_atom_sites.fract_transf_matrix[1][3]   0.02265285 
_atom_sites.fract_transf_matrix[2][1]   -0.03194228 
_atom_sites.fract_transf_matrix[2][2]   -0.00653042 
_atom_sites.fract_transf_matrix[2][3]   -0.00586313 
_atom_sites.fract_transf_matrix[3][1]   0.00010506 
_atom_sites.fract_transf_matrix[3][2]   -0.00513214 
_atom_sites.fract_transf_matrix[3][3]   0.00514387 
_atom_sites.fract_transf_vector[1]      0.538395 
_atom_sites.fract_transf_vector[2]      0.063396 
_atom_sites.fract_transf_vector[3]      0.042907 
_atom_sites.solution_primary            ? 
_atom_sites.solution_secondary          ? 
_atom_sites.solution_hydrogens          ? 
_atom_sites.special_details             ? 
# 
loop_
_atom_type.symbol 
C  
CL 
N  
O  
P  
S  
ZN 
# 
loop_
_atom_site.group_PDB 
_atom_site.id 
_atom_site.type_symbol 
_atom_site.label_atom_id 
_atom_site.label_alt_id 
_atom_site.label_comp_id 
_atom_site.label_asym_id 
_atom_site.label_entity_id 
_atom_site.label_seq_id 
_atom_site.pdbx_PDB_ins_code 
_atom_site.Cartn_x 
_atom_site.Cartn_y 
_atom_site.Cartn_z 
_atom_site.occupancy 
_atom_site.B_iso_or_equiv 
_atom_site.pdbx_formal_charge 
_atom_site.auth_seq_id 
_atom_site.auth_comp_id 
_atom_site.auth_asym_id 
_atom_site.auth_atom_id 
_atom_site.pdbx_PDB_model_num 
ATOM   1   P  P     . DA  A 1 1  ? -0.766  -19.985 -0.186  1.00 90.47 ? 1   DA  A P     1 
ATOM   2   O  OP1   . DA  A 1 1  ? 0.345   -20.343 -1.105  1.00 86.83 ? 1   DA  A OP1   1 
ATOM   3   O  OP2   . DA  A 1 1  ? -1.289  -20.982 0.783   1.00 89.96 ? 1   DA  A OP2   1 
ATOM   4   O  "O5'" . DA  A 1 1  ? -0.405  -18.619 0.586   1.00 74.16 ? 1   DA  A "O5'" 1 
ATOM   5   C  "C5'" . DA  A 1 1  ? 0.200   -18.649 1.882   1.00 50.86 ? 1   DA  A "C5'" 1 
ATOM   6   C  "C4'" . DA  A 1 1  ? -0.721  -18.015 2.906   1.00 41.03 ? 1   DA  A "C4'" 1 
ATOM   7   O  "O4'" . DA  A 1 1  ? 0.058   -17.268 3.880   1.00 32.69 ? 1   DA  A "O4'" 1 
ATOM   8   C  "C3'" . DA  A 1 1  ? -1.675  -16.988 2.349   1.00 35.06 ? 1   DA  A "C3'" 1 
ATOM   9   O  "O3'" . DA  A 1 1  ? -2.697  -16.779 3.301   1.00 34.73 ? 1   DA  A "O3'" 1 
ATOM   10  C  "C2'" . DA  A 1 1  ? -0.756  -15.767 2.235   1.00 31.75 ? 1   DA  A "C2'" 1 
ATOM   11  C  "C1'" . DA  A 1 1  ? 0.077   -15.891 3.518   1.00 27.48 ? 1   DA  A "C1'" 1 
ATOM   12  N  N9    . DA  A 1 1  ? 1.477   -15.513 3.382   1.00 21.38 ? 1   DA  A N9    1 
ATOM   13  C  C8    . DA  A 1 1  ? 2.364   -15.969 2.448   1.00 22.83 ? 1   DA  A C8    1 
ATOM   14  N  N7    . DA  A 1 1  ? 3.580   -15.497 2.597   1.00 22.83 ? 1   DA  A N7    1 
ATOM   15  C  C5    . DA  A 1 1  ? 3.488   -14.685 3.718   1.00 21.16 ? 1   DA  A C5    1 
ATOM   16  C  C6    . DA  A 1 1  ? 4.428   -13.889 4.397   1.00 22.10 ? 1   DA  A C6    1 
ATOM   17  N  N6    . DA  A 1 1  ? 5.704   -13.790 4.029   1.00 19.26 ? 1   DA  A N6    1 
ATOM   18  N  N1    . DA  A 1 1  ? 4.007   -13.202 5.485   1.00 17.49 ? 1   DA  A N1    1 
ATOM   19  C  C2    . DA  A 1 1  ? 2.727   -13.301 5.852   1.00 18.43 ? 1   DA  A C2    1 
ATOM   20  N  N3    . DA  A 1 1  ? 1.750   -14.013 5.295   1.00 20.00 ? 1   DA  A N3    1 
ATOM   21  C  C4    . DA  A 1 1  ? 2.199   -14.688 4.218   1.00 22.17 ? 1   DA  A C4    1 
ATOM   22  P  P     . DG  A 1 2  ? -4.108  -16.139 2.887   1.00 37.11 ? 2   DG  A P     1 
ATOM   23  O  OP1   . DG  A 1 2  ? -5.033  -16.476 3.995   1.00 30.81 ? 2   DG  A OP1   1 
ATOM   24  O  OP2   . DG  A 1 2  ? -4.437  -16.536 1.501   1.00 34.62 ? 2   DG  A OP2   1 
ATOM   25  O  "O5'" . DG  A 1 2  ? -3.828  -14.564 2.920   1.00 34.67 ? 2   DG  A "O5'" 1 
ATOM   26  C  "C5'" . DG  A 1 2  ? -3.689  -13.913 4.167   1.00 28.35 ? 2   DG  A "C5'" 1 
ATOM   27  C  "C4'" . DG  A 1 2  ? -3.429  -12.431 3.979   1.00 27.23 ? 2   DG  A "C4'" 1 
ATOM   28  O  "O4'" . DG  A 1 2  ? -2.014  -12.171 3.889   1.00 22.90 ? 2   DG  A "O4'" 1 
ATOM   29  C  "C3'" . DG  A 1 2  ? -4.067  -11.821 2.751   1.00 25.09 ? 2   DG  A "C3'" 1 
ATOM   30  O  "O3'" . DG  A 1 2  ? -4.948  -10.805 3.196   1.00 27.91 ? 2   DG  A "O3'" 1 
ATOM   31  C  "C2'" . DG  A 1 2  ? -2.870  -11.282 1.915   1.00 21.67 ? 2   DG  A "C2'" 1 
ATOM   32  C  "C1'" . DG  A 1 2  ? -1.760  -11.155 2.957   1.00 20.81 ? 2   DG  A "C1'" 1 
ATOM   33  N  N9    . DG  A 1 2  ? -0.380  -11.375 2.484   1.00 17.37 ? 2   DG  A N9    1 
ATOM   34  C  C8    . DG  A 1 2  ? 0.043   -12.220 1.484   1.00 22.73 ? 2   DG  A C8    1 
ATOM   35  N  N7    . DG  A 1 2  ? 1.350   -12.273 1.360   1.00 19.53 ? 2   DG  A N7    1 
ATOM   36  C  C5    . DG  A 1 2  ? 1.826   -11.426 2.362   1.00 18.05 ? 2   DG  A C5    1 
ATOM   37  C  C6    . DG  A 1 2  ? 3.162   -11.077 2.714   1.00 18.25 ? 2   DG  A C6    1 
ATOM   38  O  O6    . DG  A 1 2  ? 4.211   -11.452 2.183   1.00 18.78 ? 2   DG  A O6    1 
ATOM   39  N  N1    . DG  A 1 2  ? 3.211   -10.192 3.794   1.00 18.97 ? 2   DG  A N1    1 
ATOM   40  C  C2    . DG  A 1 2  ? 2.102   -9.695  4.451   1.00 18.68 ? 2   DG  A C2    1 
ATOM   41  N  N2    . DG  A 1 2  ? 2.339   -8.855  5.474   1.00 13.59 ? 2   DG  A N2    1 
ATOM   42  N  N3    . DG  A 1 2  ? 0.844   -10.009 4.126   1.00 18.77 ? 2   DG  A N3    1 
ATOM   43  C  C4    . DG  A 1 2  ? 0.783   -10.877 3.071   1.00 16.09 ? 2   DG  A C4    1 
ATOM   44  P  P     . DC  A 1 3  ? -6.214  -10.360 2.318   1.00 27.03 ? 3   DC  A P     1 
ATOM   45  O  OP1   . DC  A 1 3  ? -7.152  -9.700  3.248   1.00 31.28 ? 3   DC  A OP1   1 
ATOM   46  O  OP2   . DC  A 1 3  ? -6.677  -11.503 1.490   1.00 23.49 ? 3   DC  A OP2   1 
ATOM   47  O  "O5'" . DC  A 1 3  ? -5.555  -9.291  1.356   1.00 27.52 ? 3   DC  A "O5'" 1 
ATOM   48  C  "C5'" . DC  A 1 3  ? -6.262  -8.726  0.314   1.00 19.47 ? 3   DC  A "C5'" 1 
ATOM   49  C  "C4'" . DC  A 1 3  ? -5.707  -7.352  0.043   1.00 20.25 ? 3   DC  A "C4'" 1 
ATOM   50  O  "O4'" . DC  A 1 3  ? -4.314  -7.422  -0.292  1.00 18.59 ? 3   DC  A "O4'" 1 
ATOM   51  C  "C3'" . DC  A 1 3  ? -6.351  -6.628  -1.111  1.00 19.20 ? 3   DC  A "C3'" 1 
ATOM   52  O  "O3'" . DC  A 1 3  ? -7.415  -5.860  -0.569  1.00 20.96 ? 3   DC  A "O3'" 1 
ATOM   53  C  "C2'" . DC  A 1 3  ? -5.212  -5.751  -1.693  1.00 14.37 ? 3   DC  A "C2'" 1 
ATOM   54  C  "C1'" . DC  A 1 3  ? -3.968  -6.201  -0.907  1.00 16.78 ? 3   DC  A "C1'" 1 
ATOM   55  N  N1    . DC  A 1 3  ? -2.733  -6.468  -1.719  1.00 17.79 ? 3   DC  A N1    1 
ATOM   56  C  C2    . DC  A 1 3  ? -1.553  -5.766  -1.443  1.00 15.84 ? 3   DC  A C2    1 
ATOM   57  O  O2    . DC  A 1 3  ? -1.567  -4.869  -0.588  1.00 17.60 ? 3   DC  A O2    1 
ATOM   58  N  N3    . DC  A 1 3  ? -0.427  -6.071  -2.140  1.00 17.33 ? 3   DC  A N3    1 
ATOM   59  C  C4    . DC  A 1 3  ? -0.449  -7.045  -3.051  1.00 14.43 ? 3   DC  A C4    1 
ATOM   60  N  N4    . DC  A 1 3  ? 0.689   -7.314  -3.713  1.00 14.27 ? 3   DC  A N4    1 
ATOM   61  C  C5    . DC  A 1 3  ? -1.642  -7.784  -3.332  1.00 13.79 ? 3   DC  A C5    1 
ATOM   62  C  C6    . DC  A 1 3  ? -2.743  -7.469  -2.644  1.00 14.97 ? 3   DC  A C6    1 
ATOM   63  P  P     . DT  A 1 4  ? -8.510  -5.170  -1.510  1.00 25.40 ? 4   DT  A P     1 
ATOM   64  O  OP1   . DT  A 1 4  ? -9.740  -5.044  -0.683  1.00 27.34 ? 4   DT  A OP1   1 
ATOM   65  O  OP2   . DT  A 1 4  ? -8.536  -5.904  -2.792  1.00 27.36 ? 4   DT  A OP2   1 
ATOM   66  O  "O5'" . DT  A 1 4  ? -7.902  -3.715  -1.747  1.00 18.31 ? 4   DT  A "O5'" 1 
ATOM   67  C  "C5'" . DT  A 1 4  ? -7.553  -2.908  -0.612  1.00 21.01 ? 4   DT  A "C5'" 1 
ATOM   68  C  "C4'" . DT  A 1 4  ? -6.676  -1.742  -1.023  1.00 23.35 ? 4   DT  A "C4'" 1 
ATOM   69  O  "O4'" . DT  A 1 4  ? -5.355  -2.207  -1.339  1.00 19.87 ? 4   DT  A "O4'" 1 
ATOM   70  C  "C3'" . DT  A 1 4  ? -7.163  -1.004  -2.260  1.00 25.60 ? 4   DT  A "C3'" 1 
ATOM   71  O  "O3'" . DT  A 1 4  ? -7.798  0.181   -1.844  1.00 28.58 ? 4   DT  A "O3'" 1 
ATOM   72  C  "C2'" . DT  A 1 4  ? -5.891  -0.735  -3.105  1.00 20.13 ? 4   DT  A "C2'" 1 
ATOM   73  C  "C1'" . DT  A 1 4  ? -4.757  -1.317  -2.250  1.00 19.81 ? 4   DT  A "C1'" 1 
ATOM   74  N  N1    . DT  A 1 4  ? -3.739  -2.096  -2.997  1.00 21.55 ? 4   DT  A N1    1 
ATOM   75  C  C2    . DT  A 1 4  ? -2.395  -1.908  -2.700  1.00 21.09 ? 4   DT  A C2    1 
ATOM   76  O  O2    . DT  A 1 4  ? -1.991  -1.093  -1.887  1.00 22.38 ? 4   DT  A O2    1 
ATOM   77  N  N3    . DT  A 1 4  ? -1.534  -2.708  -3.405  1.00 18.82 ? 4   DT  A N3    1 
ATOM   78  C  C4    . DT  A 1 4  ? -1.856  -3.673  -4.316  1.00 18.01 ? 4   DT  A C4    1 
ATOM   79  O  O4    . DT  A 1 4  ? -1.000  -4.328  -4.889  1.00 19.50 ? 4   DT  A O4    1 
ATOM   80  C  C5    . DT  A 1 4  ? -3.270  -3.839  -4.583  1.00 19.70 ? 4   DT  A C5    1 
ATOM   81  C  C7    . DT  A 1 4  ? -3.731  -4.863  -5.587  1.00 12.99 ? 4   DT  A C7    1 
ATOM   82  C  C6    . DT  A 1 4  ? -4.143  -3.060  -3.900  1.00 18.55 ? 4   DT  A C6    1 
ATOM   83  P  P     . DC  A 1 5  ? -8.964  0.814   -2.742  1.00 33.17 ? 5   DC  A P     1 
ATOM   84  O  OP1   . DC  A 1 5  ? -9.693  1.775   -1.895  1.00 33.51 ? 5   DC  A OP1   1 
ATOM   85  O  OP2   . DC  A 1 5  ? -9.726  -0.265  -3.417  1.00 33.30 ? 5   DC  A OP2   1 
ATOM   86  O  "O5'" . DC  A 1 5  ? -8.132  1.537   -3.897  1.00 30.29 ? 5   DC  A "O5'" 1 
ATOM   87  C  "C5'" . DC  A 1 5  ? -8.734  2.498   -4.704  1.00 21.39 ? 5   DC  A "C5'" 1 
ATOM   88  C  "C4'" . DC  A 1 5  ? -7.746  3.593   -5.013  1.00 23.63 ? 5   DC  A "C4'" 1 
ATOM   89  O  "O4'" . DC  A 1 5  ? -6.556  3.014   -5.587  1.00 21.78 ? 5   DC  A "O4'" 1 
ATOM   90  C  "C3'" . DC  A 1 5  ? -8.227  4.592   -6.037  1.00 22.34 ? 5   DC  A "C3'" 1 
ATOM   91  O  "O3'" . DC  A 1 5  ? -8.949  5.624   -5.401  1.00 25.31 ? 5   DC  A "O3'" 1 
ATOM   92  C  "C2'" . DC  A 1 5  ? -6.924  5.117   -6.633  1.00 21.25 ? 5   DC  A "C2'" 1 
ATOM   93  C  "C1'" . DC  A 1 5  ? -5.984  3.917   -6.527  1.00 21.03 ? 5   DC  A "C1'" 1 
ATOM   94  N  N1    . DC  A 1 5  ? -5.772  3.188   -7.816  1.00 16.24 ? 5   DC  A N1    1 
ATOM   95  C  C2    . DC  A 1 5  ? -4.471  2.808   -8.189  1.00 16.82 ? 5   DC  A C2    1 
ATOM   96  O  O2    . DC  A 1 5  ? -3.517  3.101   -7.455  1.00 13.21 ? 5   DC  A O2    1 
ATOM   97  N  N3    . DC  A 1 5  ? -4.295  2.134   -9.350  1.00 11.96 ? 5   DC  A N3    1 
ATOM   98  C  C4    . DC  A 1 5  ? -5.343  1.819   -10.116 1.00 16.98 ? 5   DC  A C4    1 
ATOM   99  N  N4    . DC  A 1 5  ? -5.107  1.144   -11.251 1.00 15.06 ? 5   DC  A N4    1 
ATOM   100 C  C5    . DC  A 1 5  ? -6.682  2.201   -9.763  1.00 17.94 ? 5   DC  A C5    1 
ATOM   101 C  C6    . DC  A 1 5  ? -6.846  2.869   -8.610  1.00 15.71 ? 5   DC  A C6    1 
ATOM   102 P  P     . DG  A 1 6  ? -10.005 6.481   -6.262  1.00 33.70 ? 6   DG  A P     1 
ATOM   103 O  OP1   . DG  A 1 6  ? -10.561 7.520   -5.366  1.00 33.61 ? 6   DG  A OP1   1 
ATOM   104 O  OP2   . DG  A 1 6  ? -10.916 5.514   -6.926  1.00 33.84 ? 6   DG  A OP2   1 
ATOM   105 O  "O5'" . DG  A 1 6  ? -9.141  7.054   -7.483  1.00 34.18 ? 6   DG  A "O5'" 1 
ATOM   106 C  "C5'" . DG  A 1 6  ? -8.796  8.423   -7.579  1.00 27.53 ? 6   DG  A "C5'" 1 
ATOM   107 C  "C4'" . DG  A 1 6  ? -7.526  8.589   -8.411  1.00 29.03 ? 6   DG  A "C4'" 1 
ATOM   108 O  "O4'" . DG  A 1 6  ? -7.147  7.323   -9.015  1.00 25.86 ? 6   DG  A "O4'" 1 
ATOM   109 C  "C3'" . DG  A 1 6  ? -7.617  9.587   -9.581  1.00 25.18 ? 6   DG  A "C3'" 1 
ATOM   110 O  "O3'" . DG  A 1 6  ? -6.837  10.740  -9.305  1.00 32.61 ? 6   DG  A "O3'" 1 
ATOM   111 C  "C2'" . DG  A 1 6  ? -7.032  8.821   -10.781 1.00 19.09 ? 6   DG  A "C2'" 1 
ATOM   112 C  "C1'" . DG  A 1 6  ? -6.348  7.633   -10.116 1.00 24.65 ? 6   DG  A "C1'" 1 
ATOM   113 N  N9    . DG  A 1 6  ? -6.234  6.487   -10.998 1.00 21.13 ? 6   DG  A N9    1 
ATOM   114 C  C8    . DG  A 1 6  ? -7.181  6.019   -11.879 1.00 16.48 ? 6   DG  A C8    1 
ATOM   115 N  N7    . DG  A 1 6  ? -6.783  4.991   -12.563 1.00 16.30 ? 6   DG  A N7    1 
ATOM   116 C  C5    . DG  A 1 6  ? -5.480  4.779   -12.132 1.00 18.40 ? 6   DG  A C5    1 
ATOM   117 C  C6    . DG  A 1 6  ? -4.536  3.811   -12.536 1.00 16.38 ? 6   DG  A C6    1 
ATOM   118 O  O6    . DG  A 1 6  ? -4.674  2.920   -13.378 1.00 15.01 ? 6   DG  A O6    1 
ATOM   119 N  N1    . DG  A 1 6  ? -3.329  3.935   -11.835 1.00 14.59 ? 6   DG  A N1    1 
ATOM   120 C  C2    . DG  A 1 6  ? -3.080  4.899   -10.870 1.00 24.98 ? 6   DG  A C2    1 
ATOM   121 N  N2    . DG  A 1 6  ? -1.868  4.878   -10.293 1.00 21.51 ? 6   DG  A N2    1 
ATOM   122 N  N3    . DG  A 1 6  ? -3.963  5.815   -10.497 1.00 15.57 ? 6   DG  A N3    1 
ATOM   123 C  C4    . DG  A 1 6  ? -5.132  5.694   -11.166 1.00 20.11 ? 6   DG  A C4    1 
ATOM   124 P  P     . DT  A 1 7  ? -7.495  12.042  -8.631  1.00 34.42 ? 7   DT  A P     1 
ATOM   125 O  OP1   . DT  A 1 7  ? -7.806  11.652  -7.237  1.00 46.37 ? 7   DT  A OP1   1 
ATOM   126 O  OP2   . DT  A 1 7  ? -8.572  12.571  -9.502  1.00 30.91 ? 7   DT  A OP2   1 
ATOM   127 O  "O5'" . DT  A 1 7  ? -6.285  13.084  -8.608  1.00 44.52 ? 7   DT  A "O5'" 1 
ATOM   128 C  "C5'" . DT  A 1 7  ? -5.069  12.724  -7.951  1.00 42.87 ? 7   DT  A "C5'" 1 
ATOM   129 C  "C4'" . DT  A 1 7  ? -3.862  13.161  -8.758  1.00 39.82 ? 7   DT  A "C4'" 1 
ATOM   130 O  "O4'" . DT  A 1 7  ? -3.674  12.259  -9.884  1.00 38.91 ? 7   DT  A "O4'" 1 
ATOM   131 C  "C3'" . DT  A 1 7  ? -3.953  14.575  -9.334  1.00 38.50 ? 7   DT  A "C3'" 1 
ATOM   132 O  "O3'" . DT  A 1 7  ? -2.762  15.304  -9.036  1.00 44.63 ? 7   DT  A "O3'" 1 
ATOM   133 C  "C2'" . DT  A 1 7  ? -4.119  14.348  -10.842 1.00 33.61 ? 7   DT  A "C2'" 1 
ATOM   134 C  "C1'" . DT  A 1 7  ? -3.427  13.004  -11.052 1.00 31.87 ? 7   DT  A "C1'" 1 
ATOM   135 N  N1    . DT  A 1 7  ? -3.961  12.238  -12.222 1.00 30.33 ? 7   DT  A N1    1 
ATOM   136 C  C2    . DT  A 1 7  ? -3.079  11.675  -13.123 1.00 23.34 ? 7   DT  A C2    1 
ATOM   137 O  O2    . DT  A 1 7  ? -1.875  11.758  -13.019 1.00 22.05 ? 7   DT  A O2    1 
ATOM   138 N  N3    . DT  A 1 7  ? -3.667  11.000  -14.161 1.00 22.03 ? 7   DT  A N3    1 
ATOM   139 C  C4    . DT  A 1 7  ? -5.022  10.833  -14.386 1.00 22.11 ? 7   DT  A C4    1 
ATOM   140 O  O4    . DT  A 1 7  ? -5.447  10.214  -15.348 1.00 25.98 ? 7   DT  A O4    1 
ATOM   141 C  C5    . DT  A 1 7  ? -5.896  11.446  -13.408 1.00 24.36 ? 7   DT  A C5    1 
ATOM   142 C  C7    . DT  A 1 7  ? -7.386  11.334  -13.556 1.00 25.74 ? 7   DT  A C7    1 
ATOM   143 C  C6    . DT  A 1 7  ? -5.331  12.109  -12.382 1.00 25.52 ? 7   DT  A C6    1 
ATOM   144 P  P     . DA  B 2 1  ? 2.300   4.788   -20.824 1.00 92.81 ? 1   DA  B P     1 
ATOM   145 O  OP1   . DA  B 2 1  ? 0.922   4.306   -20.541 1.00 76.10 ? 1   DA  B OP1   1 
ATOM   146 O  OP2   . DA  B 2 1  ? 2.901   4.581   -22.167 1.00 98.57 ? 1   DA  B OP2   1 
ATOM   147 O  "O5'" . DA  B 2 1  ? 2.429   6.347   -20.434 1.00 74.25 ? 1   DA  B "O5'" 1 
ATOM   148 C  "C5'" . DA  B 2 1  ? 3.718   6.931   -20.175 1.00 46.75 ? 1   DA  B "C5'" 1 
ATOM   149 C  "C4'" . DA  B 2 1  ? 3.972   7.092   -18.678 1.00 36.24 ? 1   DA  B "C4'" 1 
ATOM   150 O  "O4'" . DA  B 2 1  ? 2.848   7.764   -18.046 1.00 32.91 ? 1   DA  B "O4'" 1 
ATOM   151 C  "C3'" . DA  B 2 1  ? 4.156   5.804   -17.896 1.00 32.77 ? 1   DA  B "C3'" 1 
ATOM   152 O  "O3'" . DA  B 2 1  ? 5.020   6.051   -16.805 1.00 33.27 ? 1   DA  B "O3'" 1 
ATOM   153 C  "C2'" . DA  B 2 1  ? 2.736   5.490   -17.423 1.00 29.34 ? 1   DA  B "C2'" 1 
ATOM   154 C  "C1'" . DA  B 2 1  ? 2.199   6.889   -17.138 1.00 30.02 ? 1   DA  B "C1'" 1 
ATOM   155 N  N9    . DA  B 2 1  ? 0.760   7.050   -17.335 1.00 28.64 ? 1   DA  B N9    1 
ATOM   156 C  C8    . DA  B 2 1  ? -0.035  6.435   -18.267 1.00 24.28 ? 1   DA  B C8    1 
ATOM   157 N  N7    . DA  B 2 1  ? -1.297  6.828   -18.226 1.00 25.09 ? 1   DA  B N7    1 
ATOM   158 C  C5    . DA  B 2 1  ? -1.319  7.769   -17.205 1.00 24.17 ? 1   DA  B C5    1 
ATOM   159 C  C6    . DA  B 2 1  ? -2.346  8.572   -16.659 1.00 22.88 ? 1   DA  B C6    1 
ATOM   160 N  N6    . DA  B 2 1  ? -3.618  8.546   -17.077 1.00 17.09 ? 1   DA  B N6    1 
ATOM   161 N  N1    . DA  B 2 1  ? -2.012  9.412   -15.656 1.00 24.60 ? 1   DA  B N1    1 
ATOM   162 C  C2    . DA  B 2 1  ? -0.744  9.447   -15.234 1.00 24.22 ? 1   DA  B C2    1 
ATOM   163 N  N3    . DA  B 2 1  ? 0.297   8.755   -15.671 1.00 18.65 ? 1   DA  B N3    1 
ATOM   164 C  C4    . DA  B 2 1  ? -0.057  7.924   -16.659 1.00 22.46 ? 1   DA  B C4    1 
ATOM   165 P  P     . DC  B 2 2  ? 5.822   4.840   -16.126 1.00 36.72 ? 2   DC  B P     1 
ATOM   166 O  OP1   . DC  B 2 2  ? 6.807   5.427   -15.190 1.00 31.95 ? 2   DC  B OP1   1 
ATOM   167 O  OP2   . DC  B 2 2  ? 6.266   3.949   -17.226 1.00 34.25 ? 2   DC  B OP2   1 
ATOM   168 O  "O5'" . DC  B 2 2  ? 4.698   4.097   -15.259 1.00 37.58 ? 2   DC  B "O5'" 1 
ATOM   169 C  "C5'" . DC  B 2 2  ? 4.848   2.746   -14.898 1.00 28.59 ? 2   DC  B "C5'" 1 
ATOM   170 C  "C4'" . DC  B 2 2  ? 4.365   2.516   -13.481 1.00 26.50 ? 2   DC  B "C4'" 1 
ATOM   171 O  "O4'" . DC  B 2 2  ? 2.980   2.893   -13.374 1.00 24.48 ? 2   DC  B "O4'" 1 
ATOM   172 C  "C3'" . DC  B 2 2  ? 4.417   1.075   -13.044 1.00 25.51 ? 2   DC  B "C3'" 1 
ATOM   173 O  "O3'" . DC  B 2 2  ? 5.656   0.824   -12.404 1.00 37.32 ? 2   DC  B "O3'" 1 
ATOM   174 C  "C2'" . DC  B 2 2  ? 3.248   0.933   -12.066 1.00 23.20 ? 2   DC  B "C2'" 1 
ATOM   175 C  "C1'" . DC  B 2 2  ? 2.368   2.156   -12.339 1.00 22.16 ? 2   DC  B "C1'" 1 
ATOM   176 N  N1    . DC  B 2 2  ? 1.012   1.815   -12.799 1.00 17.19 ? 2   DC  B N1    1 
ATOM   177 C  C2    . DC  B 2 2  ? -0.103  2.431   -12.209 1.00 18.92 ? 2   DC  B C2    1 
ATOM   178 O  O2    . DC  B 2 2  ? 0.059   3.231   -11.275 1.00 16.54 ? 2   DC  B O2    1 
ATOM   179 N  N3    . DC  B 2 2  ? -1.330  2.128   -12.673 1.00 13.28 ? 2   DC  B N3    1 
ATOM   180 C  C4    . DC  B 2 2  ? -1.476  1.257   -13.672 1.00 17.91 ? 2   DC  B C4    1 
ATOM   181 N  N4    . DC  B 2 2  ? -2.715  1.005   -14.097 1.00 12.42 ? 2   DC  B N4    1 
ATOM   182 C  C5    . DC  B 2 2  ? -0.358  0.625   -14.294 1.00 15.95 ? 2   DC  B C5    1 
ATOM   183 C  C6    . DC  B 2 2  ? 0.858   0.930   -13.825 1.00 15.81 ? 2   DC  B C6    1 
ATOM   184 P  P     . DG  B 2 3  ? 6.415   -0.570  -12.646 1.00 33.29 ? 3   DG  B P     1 
ATOM   185 O  OP1   . DG  B 2 3  ? 7.756   -0.474  -12.019 1.00 37.82 ? 3   DG  B OP1   1 
ATOM   186 O  OP2   . DG  B 2 3  ? 6.302   -0.880  -14.085 1.00 34.57 ? 3   DG  B OP2   1 
ATOM   187 O  "O5'" . DG  B 2 3  ? 5.506   -1.630  -11.861 1.00 26.35 ? 3   DG  B "O5'" 1 
ATOM   188 C  "C5'" . DG  B 2 3  ? 5.919   -2.154  -10.593 1.00 24.82 ? 3   DG  B "C5'" 1 
ATOM   189 C  "C4'" . DG  B 2 3  ? 5.209   -1.458  -9.434  1.00 23.29 ? 3   DG  B "C4'" 1 
ATOM   190 O  "O4'" . DG  B 2 3  ? 3.911   -0.964  -9.850  1.00 19.81 ? 3   DG  B "O4'" 1 
ATOM   191 C  "C3'" . DG  B 2 3  ? 4.955   -2.335  -8.204  1.00 17.51 ? 3   DG  B "C3'" 1 
ATOM   192 O  "O3'" . DG  B 2 3  ? 5.298   -1.617  -7.035  1.00 25.86 ? 3   DG  B "O3'" 1 
ATOM   193 C  "C2'" . DG  B 2 3  ? 3.443   -2.605  -8.266  1.00 20.38 ? 3   DG  B "C2'" 1 
ATOM   194 C  "C1'" . DG  B 2 3  ? 2.943   -1.306  -8.887  1.00 21.98 ? 3   DG  B "C1'" 1 
ATOM   195 N  N9    . DG  B 2 3  ? 1.638   -1.401  -9.564  1.00 20.16 ? 3   DG  B N9    1 
ATOM   196 C  C8    . DG  B 2 3  ? 1.223   -2.354  -10.474 1.00 16.18 ? 3   DG  B C8    1 
ATOM   197 N  N7    . DG  B 2 3  ? -0.008  -2.138  -10.927 1.00 15.51 ? 3   DG  B N7    1 
ATOM   198 C  C5    . DG  B 2 3  ? -0.406  -0.962  -10.293 1.00 20.24 ? 3   DG  B C5    1 
ATOM   199 C  C6    . DG  B 2 3  ? -1.624  -0.237  -10.385 1.00 16.99 ? 3   DG  B C6    1 
ATOM   200 O  O6    . DG  B 2 3  ? -2.635  -0.501  -11.072 1.00 12.28 ? 3   DG  B O6    1 
ATOM   201 N  N1    . DG  B 2 3  ? -1.619  0.881   -9.555  1.00 17.05 ? 3   DG  B N1    1 
ATOM   202 C  C2    . DG  B 2 3  ? -0.557  1.267   -8.767  1.00 20.40 ? 3   DG  B C2    1 
ATOM   203 N  N2    . DG  B 2 3  ? -0.717  2.380   -8.044  1.00 18.00 ? 3   DG  B N2    1 
ATOM   204 N  N3    . DG  B 2 3  ? 0.586   0.604   -8.682  1.00 17.94 ? 3   DG  B N3    1 
ATOM   205 C  C4    . DG  B 2 3  ? 0.591   -0.497  -9.459  1.00 22.15 ? 3   DG  B C4    1 
ATOM   206 P  P     . DT  B 2 4  ? 6.839   -1.431  -6.590  1.00 29.71 ? 4   DT  B P     1 
ATOM   207 O  OP1   . DT  B 2 4  ? 7.434   -0.311  -7.344  1.00 23.10 ? 4   DT  B OP1   1 
ATOM   208 O  OP2   . DT  B 2 4  ? 7.486   -2.767  -6.563  1.00 23.61 ? 4   DT  B OP2   1 
ATOM   209 O  "O5'" . DT  B 2 4  ? 6.717   -0.914  -5.093  1.00 24.33 ? 4   DT  B "O5'" 1 
ATOM   210 C  "C5'" . DT  B 2 4  ? 6.006   0.291   -4.818  1.00 23.52 ? 4   DT  B "C5'" 1 
ATOM   211 C  "C4'" . DT  B 2 4  ? 5.283   0.174   -3.492  1.00 23.75 ? 4   DT  B "C4'" 1 
ATOM   212 O  "O4'" . DT  B 2 4  ? 4.074   -0.576  -3.660  1.00 23.62 ? 4   DT  B "O4'" 1 
ATOM   213 C  "C3'" . DT  B 2 4  ? 6.076   -0.527  -2.404  1.00 24.49 ? 4   DT  B "C3'" 1 
ATOM   214 O  "O3'" . DT  B 2 4  ? 6.010   0.229   -1.243  1.00 33.17 ? 4   DT  B "O3'" 1 
ATOM   215 C  "C2'" . DT  B 2 4  ? 5.412   -1.897  -2.240  1.00 26.10 ? 4   DT  B "C2'" 1 
ATOM   216 C  "C1'" . DT  B 2 4  ? 3.990   -1.652  -2.745  1.00 19.83 ? 4   DT  B "C1'" 1 
ATOM   217 N  N1    . DT  B 2 4  ? 3.461   -2.785  -3.517  1.00 21.32 ? 4   DT  B N1    1 
ATOM   218 C  C2    . DT  B 2 4  ? 2.101   -3.049  -3.519  1.00 20.23 ? 4   DT  B C2    1 
ATOM   219 O  O2    . DT  B 2 4  ? 1.297   -2.425  -2.866  1.00 16.24 ? 4   DT  B O2    1 
ATOM   220 N  N3    . DT  B 2 4  ? 1.727   -4.095  -4.314  1.00 15.07 ? 4   DT  B N3    1 
ATOM   221 C  C4    . DT  B 2 4  ? 2.555   -4.872  -5.113  1.00 19.44 ? 4   DT  B C4    1 
ATOM   222 O  O4    . DT  B 2 4  ? 2.129   -5.781  -5.795  1.00 16.46 ? 4   DT  B O4    1 
ATOM   223 C  C5    . DT  B 2 4  ? 3.959   -4.535  -5.072  1.00 17.97 ? 4   DT  B C5    1 
ATOM   224 C  C7    . DT  B 2 4  ? 4.951   -5.313  -5.890  1.00 19.04 ? 4   DT  B C7    1 
ATOM   225 C  C6    . DT  B 2 4  ? 4.336   -3.512  -4.296  1.00 18.78 ? 4   DT  B C6    1 
ATOM   226 P  P     . DG  B 2 5  ? 7.360   0.845   -0.648  1.00 48.60 ? 5   DG  B P     1 
ATOM   227 O  OP1   . DG  B 2 5  ? 7.061   2.259   -0.326  1.00 49.03 ? 5   DG  B OP1   1 
ATOM   228 O  OP2   . DG  B 2 5  ? 8.474   0.499   -1.563  1.00 53.49 ? 5   DG  B OP2   1 
ATOM   229 O  "O5'" . DG  B 2 5  ? 7.573   0.004   0.690   1.00 45.70 ? 5   DG  B "O5'" 1 
ATOM   230 C  "C5'" . DG  B 2 5  ? 6.783   0.307   1.813   1.00 41.23 ? 5   DG  B "C5'" 1 
ATOM   231 C  "C4'" . DG  B 2 5  ? 6.267   -0.948  2.480   1.00 33.79 ? 5   DG  B "C4'" 1 
ATOM   232 O  "O4'" . DG  B 2 5  ? 5.609   -1.797  1.525   1.00 26.96 ? 5   DG  B "O4'" 1 
ATOM   233 C  "C3'" . DG  B 2 5  ? 7.322   -1.816  3.162   1.00 32.37 ? 5   DG  B "C3'" 1 
ATOM   234 O  "O3'" . DG  B 2 5  ? 7.028   -1.837  4.531   1.00 40.72 ? 5   DG  B "O3'" 1 
ATOM   235 C  "C2'" . DG  B 2 5  ? 7.150   -3.214  2.511   1.00 27.80 ? 5   DG  B "C2'" 1 
ATOM   236 C  "C1'" . DG  B 2 5  ? 5.730   -3.121  1.964   1.00 25.38 ? 5   DG  B "C1'" 1 
ATOM   237 N  N9    . DG  B 2 5  ? 5.433   -3.988  0.831   1.00 18.93 ? 5   DG  B N9    1 
ATOM   238 C  C8    . DG  B 2 5  ? 6.324   -4.551  -0.049  1.00 20.92 ? 5   DG  B C8    1 
ATOM   239 N  N7    . DG  B 2 5  ? 5.745   -5.254  -0.993  1.00 21.66 ? 5   DG  B N7    1 
ATOM   240 C  C5    . DG  B 2 5  ? 4.376   -5.148  -0.719  1.00 17.12 ? 5   DG  B C5    1 
ATOM   241 C  C6    . DG  B 2 5  ? 3.251   -5.690  -1.396  1.00 17.44 ? 5   DG  B C6    1 
ATOM   242 O  O6    . DG  B 2 5  ? 3.228   -6.414  -2.402  1.00 16.95 ? 5   DG  B O6    1 
ATOM   243 N  N1    . DG  B 2 5  ? 2.047   -5.310  -0.793  1.00 14.20 ? 5   DG  B N1    1 
ATOM   244 C  C2    . DG  B 2 5  ? 1.944   -4.526  0.318   1.00 19.59 ? 5   DG  B C2    1 
ATOM   245 N  N2    . DG  B 2 5  ? 0.695   -4.284  0.760   1.00 18.22 ? 5   DG  B N2    1 
ATOM   246 N  N3    . DG  B 2 5  ? 2.987   -4.009  0.961   1.00 16.67 ? 5   DG  B N3    1 
ATOM   247 C  C4    . DG  B 2 5  ? 4.168   -4.362  0.388   1.00 16.74 ? 5   DG  B C4    1 
ATOM   248 P  P     . DC  B 2 6  ? 8.188   -2.053  5.612   1.00 41.10 ? 6   DC  B P     1 
ATOM   249 O  OP1   . DC  B 2 6  ? 7.742   -1.394  6.863   1.00 44.28 ? 6   DC  B OP1   1 
ATOM   250 O  OP2   . DC  B 2 6  ? 9.474   -1.664  5.003   1.00 40.91 ? 6   DC  B OP2   1 
ATOM   251 O  "O5'" . DC  B 2 6  ? 8.209   -3.641  5.785   1.00 39.41 ? 6   DC  B "O5'" 1 
ATOM   252 C  "C5'" . DC  B 2 6  ? 8.884   -4.224  6.876   1.00 37.39 ? 6   DC  B "C5'" 1 
ATOM   253 C  "C4'" . DC  B 2 6  ? 7.893   -4.950  7.752   1.00 33.76 ? 6   DC  B "C4'" 1 
ATOM   254 O  "O4'" . DC  B 2 6  ? 7.098   -5.841  6.938   1.00 26.67 ? 6   DC  B "O4'" 1 
ATOM   255 C  "C3'" . DC  B 2 6  ? 8.500   -5.789  8.863   1.00 31.16 ? 6   DC  B "C3'" 1 
ATOM   256 O  "O3'" . DC  B 2 6  ? 7.776   -5.557  10.062  1.00 35.97 ? 6   DC  B "O3'" 1 
ATOM   257 C  "C2'" . DC  B 2 6  ? 8.350   -7.234  8.365   1.00 26.08 ? 6   DC  B "C2'" 1 
ATOM   258 C  "C1'" . DC  B 2 6  ? 7.115   -7.149  7.478   1.00 26.52 ? 6   DC  B "C1'" 1 
ATOM   259 N  N1    . DC  B 2 6  ? 7.125   -8.101  6.320   1.00 19.81 ? 6   DC  B N1    1 
ATOM   260 C  C2    . DC  B 2 6  ? 5.923   -8.674  5.879   1.00 20.00 ? 6   DC  B C2    1 
ATOM   261 O  O2    . DC  B 2 6  ? 4.880   -8.413  6.475   1.00 15.94 ? 6   DC  B O2    1 
ATOM   262 N  N3    . DC  B 2 6  ? 5.945   -9.516  4.815   1.00 17.79 ? 6   DC  B N3    1 
ATOM   263 C  C4    . DC  B 2 6  ? 7.090   -9.781  4.196   1.00 19.21 ? 6   DC  B C4    1 
ATOM   264 N  N4    . DC  B 2 6  ? 7.057   -10.620 3.157   1.00 20.21 ? 6   DC  B N4    1 
ATOM   265 C  C5    . DC  B 2 6  ? 8.326   -9.209  4.625   1.00 24.58 ? 6   DC  B C5    1 
ATOM   266 C  C6    . DC  B 2 6  ? 8.296   -8.375  5.676   1.00 26.49 ? 6   DC  B C6    1 
ATOM   267 P  P     . DT  B 2 7  ? 8.383   -6.001  11.479  1.00 36.80 ? 7   DT  B P     1 
ATOM   268 O  OP1   . DT  B 2 7  ? 8.158   -4.874  12.420  1.00 41.41 ? 7   DT  B OP1   1 
ATOM   269 O  OP2   . DT  B 2 7  ? 9.749   -6.534  11.259  1.00 33.04 ? 7   DT  B OP2   1 
ATOM   270 O  "O5'" . DT  B 2 7  ? 7.453   -7.229  11.912  1.00 35.10 ? 7   DT  B "O5'" 1 
ATOM   271 C  "C5'" . DT  B 2 7  ? 6.077   -7.011  12.191  1.00 30.48 ? 7   DT  B "C5'" 1 
ATOM   272 C  "C4'" . DT  B 2 7  ? 5.283   -8.286  11.991  1.00 30.13 ? 7   DT  B "C4'" 1 
ATOM   273 O  "O4'" . DT  B 2 7  ? 5.357   -8.679  10.618  1.00 23.64 ? 7   DT  B "O4'" 1 
ATOM   274 C  "C3'" . DT  B 2 7  ? 5.794   -9.499  12.753  1.00 30.32 ? 7   DT  B "C3'" 1 
ATOM   275 O  "O3'" . DT  B 2 7  ? 5.154   -9.574  14.019  1.00 37.94 ? 7   DT  B "O3'" 1 
ATOM   276 C  "C2'" . DT  B 2 7  ? 5.402   -10.688 11.855  1.00 27.39 ? 7   DT  B "C2'" 1 
ATOM   277 C  "C1'" . DT  B 2 7  ? 4.982   -10.028 10.533  1.00 24.63 ? 7   DT  B "C1'" 1 
ATOM   278 N  N1    . DT  B 2 7  ? 5.638   -10.613 9.346   1.00 19.39 ? 7   DT  B N1    1 
ATOM   279 C  C2    . DT  B 2 7  ? 4.867   -11.198 8.373   1.00 17.07 ? 7   DT  B C2    1 
ATOM   280 O  O2    . DT  B 2 7  ? 3.650   -11.251 8.422   1.00 15.51 ? 7   DT  B O2    1 
ATOM   281 N  N3    . DT  B 2 7  ? 5.568   -11.704 7.317   1.00 15.03 ? 7   DT  B N3    1 
ATOM   282 C  C4    . DT  B 2 7  ? 6.933   -11.690 7.144   1.00 18.32 ? 7   DT  B C4    1 
ATOM   283 O  O4    . DT  B 2 7  ? 7.462   -12.175 6.161   1.00 17.36 ? 7   DT  B O4    1 
ATOM   284 C  C5    . DT  B 2 7  ? 7.688   -11.059 8.202   1.00 21.80 ? 7   DT  B C5    1 
ATOM   285 C  C7    . DT  B 2 7  ? 9.184   -10.981 8.123   1.00 22.37 ? 7   DT  B C7    1 
ATOM   286 C  C6    . DT  B 2 7  ? 7.010   -10.560 9.243   1.00 22.10 ? 7   DT  B C6    1 
ATOM   287 N  N     . THR C 3 1  ? -1.035  -7.341  3.890   1.00 23.08 ? 1   THR C N     1 
ATOM   288 C  CA    . THR C 3 1  ? -1.838  -6.730  4.946   1.00 21.52 ? 1   THR C CA    1 
ATOM   289 C  C     . THR C 3 1  ? -0.970  -6.517  6.168   1.00 25.10 ? 1   THR C C     1 
ATOM   290 O  O     . THR C 3 1  ? 0.063   -7.163  6.312   1.00 21.67 ? 1   THR C O     1 
ATOM   291 C  CB    . THR C 3 1  ? -3.021  -7.614  5.356   1.00 20.70 ? 1   THR C CB    1 
ATOM   292 O  OG1   . THR C 3 1  ? -2.523  -8.873  5.833   1.00 26.63 ? 1   THR C OG1   1 
ATOM   293 C  CG2   . THR C 3 1  ? -3.972  -7.855  4.194   1.00 20.82 ? 1   THR C CG2   1 
HETATM 294 N  N     . DVA C 3 2  ? -1.393  -5.635  7.062   1.00 25.05 ? 2   DVA C N     1 
HETATM 295 C  CA    . DVA C 3 2  ? -0.754  -5.561  8.374   1.00 25.34 ? 2   DVA C CA    1 
HETATM 296 C  CB    . DVA C 3 2  ? -1.799  -5.326  9.509   1.00 28.43 ? 2   DVA C CB    1 
HETATM 297 C  CG1   . DVA C 3 2  ? -1.269  -4.384  10.578  1.00 27.49 ? 2   DVA C CG1   1 
HETATM 298 C  CG2   . DVA C 3 2  ? -3.121  -4.854  8.944   1.00 25.76 ? 2   DVA C CG2   1 
HETATM 299 C  C     . DVA C 3 2  ? 0.475   -4.637  8.446   1.00 25.61 ? 2   DVA C C     1 
HETATM 300 O  O     . DVA C 3 2  ? 0.401   -3.450  8.107   1.00 24.76 ? 2   DVA C O     1 
ATOM   301 N  N     . PRO C 3 3  ? 1.632   -5.204  8.817   1.00 20.19 ? 3   PRO C N     1 
ATOM   302 C  CA    . PRO C 3 3  ? 1.859   -6.649  8.940   1.00 24.38 ? 3   PRO C CA    1 
ATOM   303 C  C     . PRO C 3 3  ? 1.459   -7.211  10.307  1.00 27.60 ? 3   PRO C C     1 
ATOM   304 O  O     . PRO C 3 3  ? 1.508   -6.482  11.298  1.00 33.99 ? 3   PRO C O     1 
ATOM   305 C  CB    . PRO C 3 3  ? 3.370   -6.767  8.723   1.00 23.51 ? 3   PRO C CB    1 
ATOM   306 C  CG    . PRO C 3 3  ? 3.897   -5.501  9.394   1.00 24.51 ? 3   PRO C CG    1 
ATOM   307 C  CD    . PRO C 3 3  ? 2.848   -4.432  9.141   1.00 18.20 ? 3   PRO C CD    1 
HETATM 308 N  N     . SAR C 3 4  ? 1.045   -8.474  10.361  1.00 25.97 ? 4   SAR C N     1 
HETATM 309 C  CA    . SAR C 3 4  ? 0.887   -9.314  9.180   1.00 25.45 ? 4   SAR C CA    1 
HETATM 310 C  C     . SAR C 3 4  ? -0.589  -9.336  8.752   1.00 26.64 ? 4   SAR C C     1 
HETATM 311 O  O     . SAR C 3 4  ? -1.358  -8.594  9.270   1.00 29.21 ? 4   SAR C O     1 
HETATM 312 C  CN    . SAR C 3 4  ? 0.716   -9.188  11.588  1.00 25.40 ? 4   SAR C CN    1 
HETATM 313 N  N     . MVA C 3 5  ? -0.919  -10.209 7.797   1.00 26.57 ? 5   MVA C N     1 
HETATM 314 C  CN    . MVA C 3 5  ? 0.021   -11.091 7.131   1.00 22.11 ? 5   MVA C CN    1 
HETATM 315 C  CA    . MVA C 3 5  ? -2.283  -10.440 7.297   1.00 29.81 ? 5   MVA C CA    1 
HETATM 316 C  CB    . MVA C 3 5  ? -3.036  -11.383 8.260   1.00 38.67 ? 5   MVA C CB    1 
HETATM 317 C  CG1   . MVA C 3 5  ? -3.595  -10.764 9.540   1.00 40.74 ? 5   MVA C CG1   1 
HETATM 318 C  CG2   . MVA C 3 5  ? -4.119  -12.181 7.538   1.00 41.17 ? 5   MVA C CG2   1 
HETATM 319 C  C     . MVA C 3 5  ? -3.063  -9.130  7.072   1.00 31.54 ? 5   MVA C C     1 
HETATM 320 O  O     . MVA C 3 5  ? -4.246  -9.042  7.167   1.00 30.72 ? 5   MVA C O     1 
HETATM 321 C  C1    . PXZ C 3 6  ? 3.843   -6.364  3.373   1.00 19.27 ? 6   PXZ C C1    1 
HETATM 322 C  C0    . PXZ C 3 6  ? 3.149   -5.560  4.463   1.00 21.21 ? 6   PXZ C C0    1 
HETATM 323 O  O1    . PXZ C 3 6  ? 3.507   -5.642  5.607   1.00 24.32 ? 6   PXZ C O1    1 
HETATM 324 C  C2    . PXZ C 3 6  ? 5.240   -6.420  3.321   1.00 20.41 ? 6   PXZ C C2    1 
HETATM 325 N  N2    . PXZ C 3 6  ? 6.082   -5.679  4.334   1.00 21.98 ? 6   PXZ C N2    1 
HETATM 326 C  C3    . PXZ C 3 6  ? 5.881   -7.152  2.336   1.00 21.14 ? 6   PXZ C C3    1 
HETATM 327 O  O3    . PXZ C 3 6  ? 7.070   -7.193  2.298   1.00 21.67 ? 6   PXZ C O3    1 
HETATM 328 C  C4    . PXZ C 3 6  ? 5.131   -7.844  1.391   1.00 20.71 ? 6   PXZ C C4    1 
HETATM 329 O  O5    . PXZ C 3 6  ? 3.007   -8.497  0.530   1.00 16.51 ? 6   PXZ C O5    1 
HETATM 330 C  C6    . PXZ C 3 6  ? 0.918   -9.193  -0.425  1.00 16.35 ? 6   PXZ C C6    1 
HETATM 331 C  C7    . PXZ C 3 6  ? -0.487  -9.170  -0.435  1.00 21.63 ? 6   PXZ C C7    1 
HETATM 332 C  C8    . PXZ C 3 6  ? -1.173  -8.403  0.527   1.00 16.11 ? 6   PXZ C C8    1 
HETATM 333 C  C9    . PXZ C 3 6  ? -0.443  -7.692  1.488   1.00 18.75 ? 6   PXZ C C9    1 
HETATM 334 C  "C0'" . PXZ C 3 6  ? -1.192  -6.825  2.568   1.00 18.54 ? 6   PXZ C "C0'" 1 
HETATM 335 O  "O1'" . PXZ C 3 6  ? -2.007  -6.005  2.210   1.00 16.95 ? 6   PXZ C "O1'" 1 
HETATM 336 N  N10   . PXZ C 3 6  ? 1.692   -7.020  2.449   1.00 17.29 ? 6   PXZ C N10   1 
HETATM 337 C  C11   . PXZ C 3 6  ? 3.078   -7.067  2.429   1.00 17.85 ? 6   PXZ C C11   1 
HETATM 338 C  C12   . PXZ C 3 6  ? 3.732   -7.799  1.450   1.00 16.77 ? 6   PXZ C C12   1 
HETATM 339 C  C13   . PXZ C 3 6  ? 1.627   -8.463  0.549   1.00 15.56 ? 6   PXZ C C13   1 
HETATM 340 C  C14   . PXZ C 3 6  ? 0.966   -7.718  1.498   1.00 18.94 ? 6   PXZ C C14   1 
HETATM 341 C  C15   . PXZ C 3 6  ? 5.844   -8.666  0.317   1.00 19.11 ? 6   PXZ C C15   1 
HETATM 342 C  C16   . PXZ C 3 6  ? 1.732   -9.993  -1.434  1.00 15.93 ? 6   PXZ C C16   1 
ATOM   343 N  N     . THR C 3 7  ? 2.518   -4.351  4.036   1.00 21.61 ? 7   THR C N     1 
ATOM   344 C  CA    . THR C 3 7  ? 1.802   -3.557  5.024   1.00 23.86 ? 7   THR C CA    1 
ATOM   345 C  C     . THR C 3 7  ? 0.418   -3.168  4.531   1.00 25.49 ? 7   THR C C     1 
ATOM   346 O  O     . THR C 3 7  ? 0.091   -3.307  3.348   1.00 23.61 ? 7   THR C O     1 
ATOM   347 C  CB    . THR C 3 7  ? 2.534   -2.248  5.343   1.00 23.40 ? 7   THR C CB    1 
ATOM   348 O  OG1   . THR C 3 7  ? 2.445   -1.403  4.195   1.00 36.26 ? 7   THR C OG1   1 
ATOM   349 C  CG2   . THR C 3 7  ? 3.998   -2.483  5.660   1.00 23.65 ? 7   THR C CG2   1 
HETATM 350 N  N     . DVA C 3 8  ? -0.382  -2.631  5.439   1.00 23.78 ? 8   DVA C N     1 
HETATM 351 C  CA    . DVA C 3 8  ? -1.607  -1.954  5.035   1.00 24.63 ? 8   DVA C CA    1 
HETATM 352 C  CB    . DVA C 3 8  ? -1.905  -0.719  5.936   1.00 28.77 ? 8   DVA C CB    1 
HETATM 353 C  CG1   . DVA C 3 8  ? -3.400  -0.522  6.134   1.00 27.97 ? 8   DVA C CG1   1 
HETATM 354 C  CG2   . DVA C 3 8  ? -1.180  -0.831  7.243   1.00 31.05 ? 8   DVA C CG2   1 
HETATM 355 C  C     . DVA C 3 8  ? -2.794  -2.900  4.864   1.00 20.85 ? 8   DVA C C     1 
HETATM 356 O  O     . DVA C 3 8  ? -3.141  -3.655  5.775   1.00 20.80 ? 8   DVA C O     1 
ATOM   357 N  N     . PRO C 3 9  ? -3.362  -2.931  3.650   1.00 21.02 ? 9   PRO C N     1 
ATOM   358 C  CA    . PRO C 3 9  ? -2.783  -2.315  2.451   1.00 22.94 ? 9   PRO C CA    1 
ATOM   359 C  C     . PRO C 3 9  ? -3.111  -0.835  2.290   1.00 24.42 ? 9   PRO C C     1 
ATOM   360 O  O     . PRO C 3 9  ? -4.166  -0.390  2.743   1.00 22.24 ? 9   PRO C O     1 
ATOM   361 C  CB    . PRO C 3 9  ? -3.411  -3.133  1.323   1.00 21.45 ? 9   PRO C CB    1 
ATOM   362 C  CG    . PRO C 3 9  ? -4.777  -3.476  1.875   1.00 20.76 ? 9   PRO C CG    1 
ATOM   363 C  CD    . PRO C 3 9  ? -4.564  -3.722  3.340   1.00 16.97 ? 9   PRO C CD    1 
HETATM 364 N  N     . SAR C 3 10 ? -2.203  -0.087  1.670   1.00 26.62 ? 10  SAR C N     1 
HETATM 365 C  CA    . SAR C 3 10 ? -0.918  -0.614  1.230   1.00 26.48 ? 10  SAR C CA    1 
HETATM 366 C  C     . SAR C 3 10 ? 0.190   -0.084  2.141   1.00 26.74 ? 10  SAR C C     1 
HETATM 367 O  O     . SAR C 3 10 ? -0.077  0.386   3.204   1.00 28.63 ? 10  SAR C O     1 
HETATM 368 C  CN    . SAR C 3 10 ? -2.334  1.325   1.344   1.00 30.91 ? 10  SAR C CN    1 
HETATM 369 N  N     . MVA C 3 11 ? 1.434   -0.194  1.676   1.00 25.90 ? 11  MVA C N     1 
HETATM 370 C  CN    . MVA C 3 11 ? 1.798   -0.887  0.453   1.00 25.85 ? 11  MVA C CN    1 
HETATM 371 C  CA    . MVA C 3 11 ? 2.619   0.375   2.342   1.00 29.18 ? 11  MVA C CA    1 
HETATM 372 C  CB    . MVA C 3 11 ? 2.578   1.912   2.411   1.00 26.19 ? 11  MVA C CB    1 
HETATM 373 C  CG1   . MVA C 3 11 ? 3.947   2.452   2.826   1.00 32.03 ? 11  MVA C CG1   1 
HETATM 374 C  CG2   . MVA C 3 11 ? 2.165   2.563   1.092   1.00 31.05 ? 11  MVA C CG2   1 
HETATM 375 C  C     . MVA C 3 11 ? 2.810   -0.151  3.767   1.00 30.62 ? 11  MVA C C     1 
HETATM 376 O  O     . MVA C 3 11 ? 2.377   0.425   4.712   1.00 29.01 ? 11  MVA C O     1 
HETATM 377 N  N     . DSN D 4 1  ? 0.124   0.641   -5.260  1.00 26.55 ? 1   DSN D N     1 
HETATM 378 C  CA    . DSN D 4 1  ? 1.441   0.850   -4.673  1.00 28.09 ? 1   DSN D CA    1 
HETATM 379 C  C     . DSN D 4 1  ? 2.360   1.899   -5.359  1.00 29.58 ? 1   DSN D C     1 
HETATM 380 O  O     . DSN D 4 1  ? 3.028   2.743   -4.643  1.00 39.74 ? 1   DSN D O     1 
HETATM 381 C  CB    . DSN D 4 1  ? 1.174   1.438   -3.297  1.00 32.13 ? 1   DSN D CB    1 
HETATM 382 O  OG    . DSN D 4 1  ? 0.106   2.369   -3.391  1.00 33.23 ? 1   DSN D OG    1 
ATOM   383 N  N     . ALA D 4 2  ? 2.450   1.888   -6.670  1.00 40.35 ? 2   ALA D N     1 
ATOM   384 C  CA    . ALA D 4 2  ? 3.203   2.971   -7.304  1.00 35.00 ? 2   ALA D CA    1 
ATOM   385 C  C     . ALA D 4 2  ? 2.557   4.262   -7.013  1.00 39.07 ? 2   ALA D C     1 
ATOM   386 O  O     . ALA D 4 2  ? 1.346   4.298   -6.821  1.00 34.49 ? 2   ALA D O     1 
ATOM   387 C  CB    . ALA D 4 2  ? 3.281   2.763   -8.823  1.00 34.99 ? 2   ALA D CB    1 
HETATM 388 N  N     . N2C D 4 3  ? 3.326   5.355   -7.050  1.00 56.74 ? 3   N2C D N     1 
HETATM 389 C  CA    . N2C D 4 3  ? 2.714   6.692   -7.081  1.00 68.92 ? 3   N2C D CA    1 
HETATM 390 C  CB    . N2C D 4 3  ? 2.945   7.656   -5.886  1.00 85.29 ? 3   N2C D CB    1 
HETATM 391 S  SG    . N2C D 4 3  ? 2.984   6.885   -4.292  1.00 69.92 ? 3   N2C D SG    1 
HETATM 392 C  CD    . N2C D 4 3  ? 4.374   7.555   -3.443  1.00 82.62 ? 3   N2C D CD    1 
HETATM 393 C  CN    . N2C D 4 3  ? 4.766   5.369   -7.212  1.00 52.00 ? 3   N2C D CN    1 
HETATM 394 C  C     . N2C D 4 3  ? 3.177   7.456   -8.339  1.00 63.10 ? 3   N2C D C     1 
HETATM 395 O  O     . N2C D 4 3  ? 4.035   8.361   -8.286  1.00 57.05 ? 3   N2C D O     1 
HETATM 396 N  N     . MVA D 4 4  ? 2.608   7.131   -9.513  1.00 54.88 ? 4   MVA D N     1 
HETATM 397 C  CN    . MVA D 4 4  ? 1.603   6.092   -9.691  1.00 42.01 ? 4   MVA D CN    1 
HETATM 398 C  CA    . MVA D 4 4  ? 2.869   7.952   -10.674 1.00 52.50 ? 4   MVA D CA    1 
HETATM 399 C  CB    . MVA D 4 4  ? 3.094   7.172   -11.969 1.00 54.44 ? 4   MVA D CB    1 
HETATM 400 C  CG1   . MVA D 4 4  ? 3.548   8.095   -13.105 1.00 52.57 ? 4   MVA D CG1   1 
HETATM 401 C  CG2   . MVA D 4 4  ? 4.090   6.017   -11.837 1.00 53.05 ? 4   MVA D CG2   1 
HETATM 402 C  C     . MVA D 4 4  ? 1.681   8.850   -10.807 1.00 47.64 ? 4   MVA D C     1 
HETATM 403 O  O     . MVA D 4 4  ? 2.138   9.831   -11.418 1.00 51.87 ? 4   MVA D O     1 
HETATM 404 N  N     . DSN D 4 5  ? -1.434  8.332   -10.996 1.00 43.67 ? 5   DSN D N     1 
HETATM 405 C  CA    . DSN D 4 5  ? -1.726  9.613   -10.440 1.00 38.89 ? 5   DSN D CA    1 
HETATM 406 C  C     . DSN D 4 5  ? -1.976  9.378   -8.951  1.00 47.15 ? 5   DSN D C     1 
HETATM 407 O  O     . DSN D 4 5  ? -1.313  10.083  -8.141  1.00 42.70 ? 5   DSN D O     1 
HETATM 408 C  CB    . DSN D 4 5  ? -0.412  10.374  -10.529 1.00 41.36 ? 5   DSN D CB    1 
HETATM 409 O  OG    . DSN D 4 5  ? 0.679   9.545   -10.158 1.00 47.43 ? 5   DSN D OG    1 
ATOM   410 N  N     . ALA D 4 6  ? -2.897  8.470   -8.589  1.00 45.55 ? 6   ALA D N     1 
ATOM   411 C  CA    . ALA D 4 6  ? -3.015  7.941   -7.196  1.00 48.51 ? 6   ALA D CA    1 
ATOM   412 C  C     . ALA D 4 6  ? -1.747  7.396   -6.654  1.00 61.73 ? 6   ALA D C     1 
ATOM   413 O  O     . ALA D 4 6  ? -0.977  6.777   -7.380  1.00 55.26 ? 6   ALA D O     1 
ATOM   414 C  CB    . ALA D 4 6  ? -3.986  6.853   -7.119  1.00 37.16 ? 6   ALA D CB    1 
HETATM 415 N  N     . NCY D 4 7  ? -1.579  7.528   -5.349  1.00 50.20 ? 7   NCY D N     1 
HETATM 416 C  CA    . NCY D 4 7  ? -0.471  6.841   -4.672  1.00 54.88 ? 7   NCY D CA    1 
HETATM 417 C  CB    . NCY D 4 7  ? 0.579   7.855   -4.193  1.00 60.53 ? 7   NCY D CB    1 
HETATM 418 S  SG    . NCY D 4 7  ? 1.449   8.550   -5.583  1.00 65.47 ? 7   NCY D SG    1 
HETATM 419 C  CN    . NCY D 4 7  ? -2.496  8.176   -4.439  1.00 49.16 ? 7   NCY D CN    1 
HETATM 420 C  C     . NCY D 4 7  ? -0.961  5.943   -3.518  1.00 50.70 ? 7   NCY D C     1 
HETATM 421 O  O     . NCY D 4 7  ? -0.797  6.205   -2.341  1.00 54.27 ? 7   NCY D O     1 
HETATM 422 N  N     . MVA D 4 8  ? -1.584  4.822   -3.851  1.00 42.05 ? 8   MVA D N     1 
HETATM 423 C  CN    . MVA D 4 8  ? -1.575  4.300   -5.195  1.00 32.80 ? 8   MVA D CN    1 
HETATM 424 C  CA    . MVA D 4 8  ? -2.000  3.900   -2.777  1.00 38.96 ? 8   MVA D CA    1 
HETATM 425 C  CB    . MVA D 4 8  ? -3.386  3.292   -3.006  1.00 38.35 ? 8   MVA D CB    1 
HETATM 426 C  CG1   . MVA D 4 8  ? -3.727  2.270   -1.935  1.00 41.59 ? 8   MVA D CG1   1 
HETATM 427 C  CG2   . MVA D 4 8  ? -4.493  4.368   -3.043  1.00 36.12 ? 8   MVA D CG2   1 
HETATM 428 C  C     . MVA D 4 8  ? -0.945  2.819   -2.615  1.00 42.23 ? 8   MVA D C     1 
HETATM 429 O  O     . MVA D 4 8  ? -0.590  2.367   -1.311  1.00 47.28 ? 8   MVA D O     1 
HETATM 430 ZN ZN    . ZN  E 5 .  ? 5.577   -16.084 1.547   1.00 60.29 ? 101 ZN  A ZN    1 
HETATM 431 ZN ZN    . ZN  F 5 .  ? -8.064  3.804   -13.546 1.00 21.11 ? 102 ZN  A ZN    1 
HETATM 432 CL CL    . CL  G 6 .  ? -8.180  1.593   -12.933 1.00 16.06 ? 103 CL  A CL    1 
HETATM 433 ZN ZN    . ZN  H 5 .  ? -1.054  -3.710  -12.021 0.49 14.60 ? 101 ZN  B ZN    1 
HETATM 434 N  N1    . QUI I 7 .  ? -1.305  6.720   -13.350 1.00 23.32 ? 101 QUI D N1    1 
HETATM 435 C  C2    . QUI I 7 .  ? -2.398  7.409   -13.133 1.00 24.42 ? 101 QUI D C2    1 
HETATM 436 C  C3    . QUI I 7 .  ? -3.512  7.192   -13.950 1.00 21.93 ? 101 QUI D C3    1 
HETATM 437 N  N4    . QUI I 7 .  ? -3.446  6.290   -14.917 1.00 25.64 ? 101 QUI D N4    1 
HETATM 438 C  C5    . QUI I 7 .  ? -2.280  4.553   -16.194 1.00 30.04 ? 101 QUI D C5    1 
HETATM 439 C  C6    . QUI I 7 .  ? -1.078  3.846   -16.423 1.00 32.56 ? 101 QUI D C6    1 
HETATM 440 C  C7    . QUI I 7 .  ? -0.015  4.115   -15.597 1.00 30.06 ? 101 QUI D C7    1 
HETATM 441 C  C8    . QUI I 7 .  ? -0.059  5.090   -14.518 1.00 23.26 ? 101 QUI D C8    1 
HETATM 442 C  C9    . QUI I 7 .  ? -1.259  5.775   -14.324 1.00 21.40 ? 101 QUI D C9    1 
HETATM 443 C  C10   . QUI I 7 .  ? -2.340  5.539   -15.116 1.00 18.69 ? 101 QUI D C10   1 
HETATM 444 C  C     . QUI I 7 .  ? -2.429  8.424   -12.007 1.00 27.39 ? 101 QUI D C     1 
HETATM 445 O  O1    . QUI I 7 .  ? -3.745  8.943   -11.866 1.00 28.82 ? 101 QUI D O1    1 
HETATM 446 N  N1    . QUI J 7 .  ? -2.078  -0.310  -6.247  1.00 24.39 ? 102 QUI D N1    1 
HETATM 447 C  C2    . QUI J 7 .  ? -0.992  -0.992  -6.485  1.00 20.88 ? 102 QUI D C2    1 
HETATM 448 C  C3    . QUI J 7 .  ? -1.042  -1.993  -7.477  1.00 19.86 ? 102 QUI D C3    1 
HETATM 449 N  N4    . QUI J 7 .  ? -2.210  -2.204  -8.112  1.00 22.46 ? 102 QUI D N4    1 
HETATM 450 C  C5    . QUI J 7 .  ? -4.625  -1.761  -8.573  1.00 15.09 ? 102 QUI D C5    1 
HETATM 451 C  C6    . QUI J 7 .  ? -5.788  -0.995  -8.286  1.00 16.19 ? 102 QUI D C6    1 
HETATM 452 C  C7    . QUI J 7 .  ? -5.714  -0.001  -7.301  1.00 15.97 ? 102 QUI D C7    1 
HETATM 453 C  C8    . QUI J 7 .  ? -4.463  0.260   -6.594  1.00 16.36 ? 102 QUI D C8    1 
HETATM 454 C  C9    . QUI J 7 .  ? -3.285  -0.538  -6.884  1.00 22.89 ? 102 QUI D C9    1 
HETATM 455 C  C10   . QUI J 7 .  ? -3.358  -1.520  -7.845  1.00 16.77 ? 102 QUI D C10   1 
HETATM 456 C  C     . QUI J 7 .  ? 0.270   -0.704  -5.704  1.00 20.53 ? 102 QUI D C     1 
HETATM 457 O  O1    . QUI J 7 .  ? 1.385   -1.554  -6.120  1.00 36.14 ? 102 QUI D O1    1 
HETATM 458 O  O     . HOH K 8 .  ? 5.099   -12.578 0.060   1.00 27.79 ? 201 HOH A O     1 
HETATM 459 O  O     . HOH K 8 .  ? -4.586  -15.047 -0.580  1.00 26.57 ? 202 HOH A O     1 
HETATM 460 O  O     . HOH K 8 .  ? -6.480  3.584   -15.076 1.00 14.32 ? 203 HOH A O     1 
HETATM 461 O  O     . HOH K 8 .  ? -5.553  -12.127 -0.761  1.00 27.92 ? 204 HOH A O     1 
HETATM 462 O  O     . HOH K 8 .  ? 4.502   -16.007 0.204   1.00 35.33 ? 205 HOH A O     1 
HETATM 463 O  O     . HOH K 8 .  ? -10.238 11.291  -11.205 1.00 38.51 ? 206 HOH A O     1 
HETATM 464 O  O     . HOH K 8 .  ? 2.458   -13.781 -0.665  1.00 23.35 ? 207 HOH A O     1 
HETATM 465 O  O     . HOH K 8 .  ? -0.916  -6.302  -6.889  1.00 16.85 ? 208 HOH A O     1 
HETATM 466 O  O     . HOH K 8 .  ? -10.416 -4.718  -4.543  1.00 23.00 ? 209 HOH A O     1 
HETATM 467 O  O     . HOH K 8 .  ? -9.543  4.499   -9.251  1.00 28.26 ? 210 HOH A O     1 
HETATM 468 O  O     . HOH K 8 .  ? -13.533 7.458   -4.533  1.00 45.88 ? 211 HOH A O     1 
HETATM 469 O  O     . HOH K 8 .  ? 0.317   -9.053  -6.316  1.00 14.29 ? 212 HOH A O     1 
HETATM 470 O  O     . HOH K 8 .  ? -7.298  10.849  -17.836 1.00 34.26 ? 213 HOH A O     1 
HETATM 471 O  O     . HOH K 8 .  ? -5.396  9.873   -5.474  1.00 34.89 ? 214 HOH A O     1 
HETATM 472 O  O     . HOH K 8 .  ? -9.969  7.603   -11.190 1.00 34.32 ? 215 HOH A O     1 
HETATM 473 O  O     . HOH K 8 .  ? -5.888  7.262   -3.914  1.00 31.65 ? 216 HOH A O     1 
HETATM 474 O  O     . HOH L 8 .  ? 4.693   -8.212  -3.213  1.00 21.90 ? 201 HOH B O     1 
HETATM 475 O  O     . HOH L 8 .  ? -2.421  -2.310  -12.829 1.00 12.20 ? 202 HOH B O     1 
HETATM 476 O  O     . HOH L 8 .  ? 7.284   -6.215  -2.875  1.00 24.09 ? 203 HOH B O     1 
HETATM 477 O  O     . HOH L 8 .  ? 0.588   -5.079  -11.450 1.00 15.28 ? 204 HOH B O     1 
HETATM 478 O  O     . HOH L 8 .  ? 0.507   -5.211  -8.798  1.00 16.11 ? 205 HOH B O     1 
HETATM 479 O  O     . HOH L 8 .  ? -4.484  5.749   -19.416 1.00 36.82 ? 206 HOH B O     1 
HETATM 480 O  O     . HOH L 8 .  ? -2.210  7.045   -22.058 1.00 29.24 ? 207 HOH B O     1 
HETATM 481 O  O     . HOH M 8 .  ? 0.411   -1.423  9.876   1.00 33.15 ? 101 HOH C O     1 
HETATM 482 O  O     . HOH N 8 .  ? -5.912  5.697   -16.516 1.00 19.18 ? 201 HOH D O     1 
# 
